data_7V8M
#
_entry.id   7V8M
#
_cell.length_a   1.00
_cell.length_b   1.00
_cell.length_c   1.00
_cell.angle_alpha   90.00
_cell.angle_beta   90.00
_cell.angle_gamma   90.00
#
_symmetry.space_group_name_H-M   'P 1'
#
loop_
_entity.id
_entity.type
_entity.pdbx_description
1 polymer 'Lipoprotein-releasing system transmembrane protein LolC'
2 polymer 'Lipoprotein-releasing system ATP-binding protein LolD'
3 polymer 'Lipoprotein-releasing system transmembrane protein LolE'
#
loop_
_entity_poly.entity_id
_entity_poly.type
_entity_poly.pdbx_seq_one_letter_code
_entity_poly.pdbx_strand_id
1 'polypeptide(L)'
;MYQPVALFIGLRYMRGRAADRFGRFVSWLSTIGITLGVMALVTVLSVMNGFERELQNNILGLMPQAILSSEHGSLNPQQL
PETAVKLDGVNRVAPITTGDVVLQSARSVAVGVMLGIDPAQKDPLTPYLVNVKQTDLEPGKYNVILGEQLASQLGVNRGD
QIRVMVPSASQFTPMGRIPSQRLFNVIGTFAANSEVDGYEMLVNIEDASRLMRYPAGNITGWRLWLDEPLKVDSLSQQKL
PEGSKWQDWRDRKGELFQAVRMEKNMMGLLLSLIVAVAAFNIITSLGLMVMEKQGEVAILQTQGLTPRQIMMVFMVQGAS
AGIIGAILGAALGALLASQLNNLMPIIGVLLDGAALPVAIEPLQVIVIALVAMAIALLSTLYPSWRAAATQPAEALRYE
;
C
2 'polypeptide(L)'
;MNKILLQCDNLCKRYQEGSVQTDVLHNVSFSVGEGEMMAIVGSSGSGKSTLLHLLGGLDTPTSGDVIFNGQPMSKLSSAA
KAELRNQKLGFIYQFHHLLPDFTALENVAMPLLIGKKKPAEINSRALEMLKAVGLDHRANHRPSELSGGERQRVAIARAL
VNNPRLVLADEPTGNLDARNADSIFQLLGELNRLQGTAFLVVTHDLQLAKRMSRQLEMRDGRLTAELSLMGAE
;
D,F
3 'polypeptide(L)'
;MAMPLSLLIGLRFSRGRRRGGMVSLISVISTIGIALGVAVLIVGLSAMNGFERELNNRILAVVPHGEIEAVDQPWTNWQE
ALDHVQKVPGIAAAAPYINFTGLVESGANLRAIQVKGVNPQQEQRLSALPSFVQGDAWRNFKAGEQQIIIGKGVADALKV
KQGDWVSIMIPNSNPEHKLMQPKRVRLHVAGILQLSGQLDHSFAMIPLADAQQYLDMGSSVSGIALKMTDVFNANKLVRD
AGEVTNSYVYIKSWIGTYGYMYRDIQMIRAIMYLAMVLVIGVACFNIVSTLVMAVKDKSGDIAVLRTLGAKDGLIRAIFV
WYGLLAGLFGSLCGVIIGVVVSLQLTPIIEWIEKLIGHQFLSSDIYFIDFLPSELHWLDVFYVLVTALLLSLLASWYPAR
RASNIDPARVLSGQ
;
E
#
# COMPACT_ATOMS: atom_id res chain seq x y z
N TYR A 2 1.01 -13.17 -36.75
CA TYR A 2 0.17 -12.77 -35.62
C TYR A 2 0.95 -11.81 -34.74
N GLN A 3 0.24 -11.12 -33.86
CA GLN A 3 0.91 -10.24 -32.91
C GLN A 3 1.81 -11.06 -32.00
N PRO A 4 2.86 -10.45 -31.42
CA PRO A 4 3.77 -11.22 -30.54
C PRO A 4 3.02 -12.06 -29.53
N VAL A 5 3.43 -13.32 -29.40
CA VAL A 5 2.61 -14.32 -28.73
C VAL A 5 2.35 -13.92 -27.28
N ALA A 6 3.34 -13.30 -26.63
CA ALA A 6 3.20 -12.96 -25.22
C ALA A 6 2.00 -12.06 -24.98
N LEU A 7 1.74 -11.13 -25.90
CA LEU A 7 0.64 -10.17 -25.71
C LEU A 7 -0.70 -10.87 -25.61
N PHE A 8 -0.94 -11.88 -26.45
CA PHE A 8 -2.24 -12.52 -26.48
C PHE A 8 -2.55 -13.20 -25.15
N ILE A 9 -1.62 -14.04 -24.66
CA ILE A 9 -1.82 -14.72 -23.39
C ILE A 9 -1.89 -13.72 -22.25
N GLY A 10 -1.00 -12.72 -22.25
CA GLY A 10 -0.99 -11.76 -21.16
C GLY A 10 -2.31 -11.02 -21.06
N LEU A 11 -2.84 -10.58 -22.19
CA LEU A 11 -4.13 -9.91 -22.17
C LEU A 11 -5.25 -10.86 -21.79
N ARG A 12 -5.16 -12.13 -22.19
CA ARG A 12 -6.30 -13.01 -21.94
C ARG A 12 -6.37 -13.49 -20.49
N TYR A 13 -5.23 -13.70 -19.81
CA TYR A 13 -5.33 -14.11 -18.41
C TYR A 13 -5.95 -13.04 -17.52
N MET A 14 -5.59 -11.78 -17.69
CA MET A 14 -6.12 -10.78 -16.76
C MET A 14 -7.62 -10.57 -16.94
N ARG A 15 -8.20 -11.03 -18.04
CA ARG A 15 -9.64 -11.05 -18.23
C ARG A 15 -10.12 -12.49 -18.18
N GLY A 16 -11.42 -12.69 -18.35
CA GLY A 16 -12.00 -14.01 -18.35
C GLY A 16 -12.55 -14.40 -17.00
N ARG A 17 -12.86 -15.69 -16.87
CA ARG A 17 -13.42 -16.27 -15.65
C ARG A 17 -14.72 -15.56 -15.26
N ALA A 18 -15.72 -15.71 -16.12
CA ALA A 18 -17.02 -15.06 -15.94
C ALA A 18 -17.98 -15.88 -15.08
N ALA A 19 -17.53 -17.01 -14.52
CA ALA A 19 -18.42 -17.86 -13.74
C ALA A 19 -18.71 -17.32 -12.35
N ASP A 20 -17.91 -16.38 -11.84
CA ASP A 20 -18.07 -15.89 -10.48
C ASP A 20 -18.13 -14.38 -10.34
N ARG A 21 -17.53 -13.62 -11.27
CA ARG A 21 -17.43 -12.16 -11.21
C ARG A 21 -16.71 -11.67 -9.97
N PHE A 22 -15.95 -12.53 -9.29
CA PHE A 22 -15.14 -12.14 -8.15
C PHE A 22 -13.65 -12.08 -8.47
N GLY A 23 -13.13 -13.07 -9.21
CA GLY A 23 -11.72 -13.09 -9.52
C GLY A 23 -11.26 -11.83 -10.24
N ARG A 24 -12.15 -11.22 -11.02
CA ARG A 24 -11.83 -9.95 -11.67
C ARG A 24 -11.48 -8.88 -10.65
N PHE A 25 -12.31 -8.75 -9.60
CA PHE A 25 -12.03 -7.78 -8.56
C PHE A 25 -10.73 -8.12 -7.83
N VAL A 26 -10.51 -9.40 -7.54
CA VAL A 26 -9.28 -9.82 -6.88
C VAL A 26 -8.05 -9.45 -7.68
N SER A 27 -8.06 -9.67 -8.99
CA SER A 27 -6.93 -9.31 -9.83
C SER A 27 -6.80 -7.82 -10.04
N TRP A 28 -7.90 -7.07 -9.99
CA TRP A 28 -7.86 -5.63 -10.21
C TRP A 28 -7.67 -4.83 -8.93
N LEU A 29 -7.57 -5.50 -7.79
CA LEU A 29 -7.26 -4.79 -6.54
C LEU A 29 -5.99 -3.96 -6.66
N SER A 30 -4.98 -4.49 -7.34
CA SER A 30 -3.74 -3.74 -7.52
C SER A 30 -3.98 -2.46 -8.30
N THR A 31 -4.76 -2.53 -9.38
CA THR A 31 -5.07 -1.34 -10.14
C THR A 31 -5.86 -0.35 -9.30
N ILE A 32 -6.79 -0.85 -8.48
CA ILE A 32 -7.56 0.04 -7.62
C ILE A 32 -6.63 0.76 -6.65
N GLY A 33 -5.70 0.02 -6.05
CA GLY A 33 -4.80 0.64 -5.09
C GLY A 33 -3.91 1.68 -5.72
N ILE A 34 -3.33 1.37 -6.88
CA ILE A 34 -2.47 2.34 -7.55
C ILE A 34 -3.29 3.55 -7.99
N THR A 35 -4.56 3.32 -8.37
CA THR A 35 -5.43 4.42 -8.74
C THR A 35 -5.66 5.37 -7.58
N LEU A 36 -5.99 4.82 -6.40
CA LEU A 36 -6.17 5.67 -5.23
C LEU A 36 -4.89 6.41 -4.88
N GLY A 37 -3.76 5.72 -4.95
CA GLY A 37 -2.49 6.39 -4.63
C GLY A 37 -2.21 7.56 -5.55
N VAL A 38 -2.34 7.36 -6.86
CA VAL A 38 -2.04 8.43 -7.79
C VAL A 38 -3.09 9.53 -7.70
N MET A 39 -4.35 9.18 -7.41
CA MET A 39 -5.38 10.19 -7.22
C MET A 39 -5.04 11.10 -6.05
N ALA A 40 -4.65 10.51 -4.92
CA ALA A 40 -4.28 11.31 -3.76
C ALA A 40 -3.07 12.18 -4.08
N LEU A 41 -2.05 11.60 -4.72
CA LEU A 41 -0.88 12.38 -5.09
C LEU A 41 -1.25 13.59 -5.92
N VAL A 42 -2.02 13.37 -7.00
CA VAL A 42 -2.30 14.46 -7.93
C VAL A 42 -3.15 15.52 -7.25
N THR A 43 -4.17 15.12 -6.47
CA THR A 43 -5.03 16.13 -5.89
C THR A 43 -4.29 16.95 -4.83
N VAL A 44 -3.48 16.31 -3.99
CA VAL A 44 -2.78 17.07 -2.96
C VAL A 44 -1.71 17.96 -3.57
N LEU A 45 -0.97 17.45 -4.56
CA LEU A 45 0.01 18.29 -5.22
C LEU A 45 -0.64 19.45 -5.95
N SER A 46 -1.81 19.24 -6.54
CA SER A 46 -2.52 20.34 -7.17
C SER A 46 -2.92 21.40 -6.17
N VAL A 47 -3.44 20.99 -5.01
CA VAL A 47 -3.85 21.96 -4.00
C VAL A 47 -2.65 22.75 -3.49
N MET A 48 -1.55 22.05 -3.21
CA MET A 48 -0.35 22.75 -2.74
C MET A 48 0.22 23.66 -3.82
N ASN A 49 0.15 23.25 -5.08
CA ASN A 49 0.62 24.10 -6.16
C ASN A 49 -0.24 25.35 -6.29
N GLY A 50 -1.55 25.21 -6.12
CA GLY A 50 -2.41 26.39 -6.10
C GLY A 50 -2.08 27.34 -4.97
N PHE A 51 -1.84 26.80 -3.78
CA PHE A 51 -1.46 27.66 -2.66
C PHE A 51 -0.13 28.35 -2.94
N GLU A 52 0.84 27.63 -3.48
CA GLU A 52 2.12 28.23 -3.81
C GLU A 52 1.98 29.29 -4.90
N ARG A 53 1.09 29.07 -5.87
CA ARG A 53 0.83 30.08 -6.89
C ARG A 53 0.24 31.33 -6.26
N GLU A 54 -0.69 31.16 -5.32
CA GLU A 54 -1.20 32.33 -4.60
C GLU A 54 -0.07 33.06 -3.88
N LEU A 55 0.80 32.33 -3.18
CA LEU A 55 1.89 32.98 -2.47
C LEU A 55 2.81 33.75 -3.41
N GLN A 56 3.17 33.14 -4.55
CA GLN A 56 4.07 33.82 -5.47
C GLN A 56 3.41 35.02 -6.13
N ASN A 57 2.11 34.99 -6.36
CA ASN A 57 1.43 36.19 -6.86
C ASN A 57 1.19 37.23 -5.79
N ASN A 58 1.27 36.87 -4.51
CA ASN A 58 1.09 37.84 -3.44
C ASN A 58 2.41 38.33 -2.85
N ILE A 59 3.44 37.49 -2.81
CA ILE A 59 4.73 37.93 -2.29
C ILE A 59 5.62 38.39 -3.44
N LEU A 60 5.92 37.49 -4.37
CA LEU A 60 6.80 37.83 -5.48
C LEU A 60 6.11 38.72 -6.50
N GLY A 61 4.78 38.64 -6.60
CA GLY A 61 4.07 39.40 -7.61
C GLY A 61 4.19 40.90 -7.45
N LEU A 62 4.62 41.38 -6.28
CA LEU A 62 4.63 42.80 -5.99
C LEU A 62 6.03 43.33 -5.70
N MET A 63 7.07 42.51 -5.87
CA MET A 63 8.43 42.91 -5.59
C MET A 63 9.29 42.63 -6.82
N PRO A 64 10.44 43.31 -6.94
CA PRO A 64 11.31 43.05 -8.10
C PRO A 64 11.74 41.59 -8.20
N GLN A 65 11.29 40.89 -9.23
CA GLN A 65 11.60 39.48 -9.36
C GLN A 65 13.03 39.20 -9.80
N ALA A 66 13.68 40.15 -10.47
CA ALA A 66 15.12 40.07 -10.67
C ALA A 66 15.67 41.48 -10.75
N ILE A 67 16.94 41.63 -10.38
CA ILE A 67 17.58 42.94 -10.39
C ILE A 67 19.00 42.77 -10.91
N LEU A 68 19.28 43.44 -12.02
CA LEU A 68 20.60 43.42 -12.65
C LEU A 68 21.27 44.75 -12.35
N SER A 69 22.43 44.70 -11.71
CA SER A 69 23.14 45.92 -11.33
C SER A 69 24.58 45.89 -11.84
N SER A 70 25.32 46.96 -11.57
CA SER A 70 26.68 47.10 -12.02
C SER A 70 27.66 46.51 -11.01
N GLU A 71 28.87 46.19 -11.48
CA GLU A 71 29.87 45.58 -10.62
C GLU A 71 30.25 46.49 -9.46
N HIS A 72 30.49 47.78 -9.76
CA HIS A 72 30.90 48.75 -8.76
C HIS A 72 29.99 49.97 -8.85
N GLY A 73 29.44 50.38 -7.70
CA GLY A 73 28.62 51.57 -7.68
C GLY A 73 27.27 51.37 -8.36
N SER A 74 26.69 52.48 -8.81
CA SER A 74 25.38 52.48 -9.42
C SER A 74 25.46 52.03 -10.88
N LEU A 75 24.32 52.02 -11.55
CA LEU A 75 24.25 51.68 -12.96
C LEU A 75 24.03 52.94 -13.79
N ASN A 76 24.71 53.00 -14.94
CA ASN A 76 24.53 54.09 -15.87
C ASN A 76 23.63 53.62 -17.01
N PRO A 77 22.47 54.23 -17.22
CA PRO A 77 21.61 53.78 -18.32
C PRO A 77 22.25 53.88 -19.69
N GLN A 78 23.18 54.82 -19.88
CA GLN A 78 23.86 54.94 -21.17
C GLN A 78 24.66 53.69 -21.50
N GLN A 79 25.36 53.13 -20.51
CA GLN A 79 26.22 51.97 -20.76
C GLN A 79 25.43 50.74 -21.17
N LEU A 80 24.31 50.47 -20.51
CA LEU A 80 23.51 49.27 -20.76
C LEU A 80 22.06 49.67 -20.98
N PRO A 81 21.70 50.05 -22.19
CA PRO A 81 20.29 50.39 -22.47
C PRO A 81 19.41 49.16 -22.40
N GLU A 82 18.13 49.41 -22.11
CA GLU A 82 17.18 48.32 -21.93
C GLU A 82 17.03 47.48 -23.20
N THR A 83 16.98 48.13 -24.35
CA THR A 83 16.84 47.41 -25.61
C THR A 83 18.04 46.50 -25.87
N ALA A 84 19.20 46.84 -25.30
CA ALA A 84 20.35 45.95 -25.36
C ALA A 84 20.35 44.91 -24.26
N VAL A 85 19.51 45.06 -23.24
CA VAL A 85 19.43 44.09 -22.14
C VAL A 85 18.23 43.19 -22.45
N LYS A 86 18.49 42.10 -23.15
CA LYS A 86 17.48 41.10 -23.46
C LYS A 86 18.03 39.74 -23.07
N LEU A 87 17.19 38.91 -22.44
CA LEU A 87 17.60 37.60 -21.98
C LEU A 87 16.48 36.60 -22.23
N ASP A 88 16.75 35.34 -21.90
CA ASP A 88 15.73 34.31 -22.01
C ASP A 88 14.80 34.36 -20.80
N GLY A 89 13.56 33.94 -21.01
CA GLY A 89 12.58 33.88 -19.95
C GLY A 89 12.09 35.21 -19.42
N VAL A 90 12.76 36.31 -19.76
CA VAL A 90 12.37 37.63 -19.27
C VAL A 90 11.35 38.23 -20.22
N ASN A 91 10.26 38.74 -19.67
CA ASN A 91 9.18 39.30 -20.46
C ASN A 91 9.09 40.82 -20.36
N ARG A 92 9.86 41.44 -19.46
CA ARG A 92 9.75 42.88 -19.28
C ARG A 92 10.93 43.36 -18.46
N VAL A 93 11.45 44.53 -18.84
CA VAL A 93 12.56 45.18 -18.16
C VAL A 93 12.18 46.62 -17.88
N ALA A 94 12.48 47.09 -16.67
CA ALA A 94 12.17 48.46 -16.31
C ALA A 94 13.24 49.01 -15.38
N PRO A 95 13.67 50.25 -15.58
CA PRO A 95 14.67 50.83 -14.67
C PRO A 95 14.09 50.95 -13.27
N ILE A 96 14.95 50.77 -12.26
CA ILE A 96 14.51 50.75 -10.87
C ILE A 96 15.69 51.05 -9.97
N THR A 97 15.39 51.58 -8.79
CA THR A 97 16.34 51.60 -7.69
C THR A 97 15.64 51.06 -6.45
N THR A 98 16.33 50.23 -5.67
CA THR A 98 15.76 49.62 -4.49
C THR A 98 16.69 49.83 -3.30
N GLY A 99 16.11 49.90 -2.11
CA GLY A 99 16.94 50.07 -0.92
C GLY A 99 16.21 49.70 0.34
N ASP A 100 16.99 49.50 1.40
CA ASP A 100 16.44 49.31 2.73
C ASP A 100 16.65 50.58 3.55
N VAL A 101 15.57 51.10 4.14
CA VAL A 101 15.62 52.38 4.83
C VAL A 101 14.90 52.26 6.16
N VAL A 102 15.09 53.29 7.00
CA VAL A 102 14.39 53.40 8.28
C VAL A 102 13.45 54.59 8.20
N LEU A 103 12.20 54.38 8.62
CA LEU A 103 11.16 55.38 8.58
C LEU A 103 10.82 55.81 10.00
N GLN A 104 10.82 57.12 10.22
CA GLN A 104 10.54 57.69 11.53
C GLN A 104 9.31 58.58 11.40
N SER A 105 8.26 58.23 12.14
CA SER A 105 7.10 59.09 12.29
C SER A 105 7.19 59.81 13.63
N ALA A 106 6.13 60.53 13.99
CA ALA A 106 6.12 61.19 15.29
C ALA A 106 6.05 60.17 16.43
N ARG A 107 5.22 59.14 16.28
CA ARG A 107 4.90 58.25 17.39
C ARG A 107 5.70 56.96 17.40
N SER A 108 6.21 56.50 16.25
CA SER A 108 6.90 55.21 16.21
C SER A 108 7.83 55.19 15.02
N VAL A 109 8.61 54.10 14.91
CA VAL A 109 9.63 53.93 13.89
C VAL A 109 9.46 52.53 13.29
N ALA A 110 9.88 52.40 12.03
CA ALA A 110 9.82 51.10 11.36
C ALA A 110 10.96 51.01 10.36
N VAL A 111 11.14 49.82 9.82
CA VAL A 111 12.07 49.58 8.72
C VAL A 111 11.26 49.28 7.48
N GLY A 112 11.77 49.70 6.33
CA GLY A 112 11.02 49.55 5.10
C GLY A 112 11.90 49.35 3.89
N VAL A 113 11.26 48.98 2.78
CA VAL A 113 11.92 48.74 1.52
C VAL A 113 11.43 49.79 0.53
N MET A 114 12.35 50.64 0.08
CA MET A 114 12.02 51.77 -0.77
C MET A 114 12.28 51.40 -2.23
N LEU A 115 11.32 51.74 -3.09
CA LEU A 115 11.39 51.51 -4.53
C LEU A 115 11.31 52.86 -5.22
N GLY A 116 12.43 53.31 -5.78
CA GLY A 116 12.44 54.49 -6.61
C GLY A 116 12.21 54.15 -8.06
N ILE A 117 11.11 54.66 -8.60
CA ILE A 117 10.68 54.39 -9.96
C ILE A 117 10.33 55.71 -10.65
N ASP A 118 10.25 55.64 -11.98
CA ASP A 118 9.75 56.77 -12.76
C ASP A 118 8.21 56.74 -12.79
N PRO A 119 7.53 57.84 -12.48
CA PRO A 119 6.07 57.79 -12.32
C PRO A 119 5.32 57.39 -13.58
N ALA A 120 5.88 57.61 -14.77
CA ALA A 120 5.13 57.37 -16.00
C ALA A 120 4.91 55.89 -16.27
N GLN A 121 5.60 55.00 -15.57
CA GLN A 121 5.52 53.57 -15.82
C GLN A 121 4.66 52.90 -14.75
N LYS A 122 3.75 52.04 -15.19
CA LYS A 122 2.87 51.35 -14.25
C LYS A 122 3.61 50.19 -13.58
N ASP A 123 3.23 49.93 -12.32
CA ASP A 123 3.71 48.80 -11.53
C ASP A 123 2.52 47.93 -11.13
N PRO A 124 2.75 46.65 -10.84
CA PRO A 124 1.61 45.75 -10.55
C PRO A 124 0.82 46.15 -9.31
N LEU A 125 1.30 47.13 -8.55
CA LEU A 125 0.57 47.62 -7.40
C LEU A 125 -0.27 48.86 -7.70
N THR A 126 -0.02 49.53 -8.83
CA THR A 126 -0.77 50.72 -9.21
C THR A 126 -2.28 50.47 -9.28
N PRO A 127 -2.76 49.33 -9.79
CA PRO A 127 -4.21 49.08 -9.73
C PRO A 127 -4.77 49.07 -8.32
N TYR A 128 -3.97 48.73 -7.32
CA TYR A 128 -4.42 48.78 -5.94
C TYR A 128 -4.22 50.14 -5.28
N LEU A 129 -3.51 51.05 -5.94
CA LEU A 129 -3.31 52.38 -5.38
C LEU A 129 -4.65 53.11 -5.25
N VAL A 130 -4.87 53.72 -4.10
CA VAL A 130 -6.12 54.42 -3.80
C VAL A 130 -5.82 55.89 -3.59
N ASN A 131 -6.65 56.75 -4.18
CA ASN A 131 -6.58 58.20 -4.01
C ASN A 131 -5.19 58.71 -4.35
N VAL A 132 -4.57 58.17 -5.40
CA VAL A 132 -3.20 58.53 -5.74
C VAL A 132 -3.01 58.49 -7.26
N LYS A 133 -2.73 59.64 -7.85
CA LYS A 133 -2.33 59.69 -9.25
C LYS A 133 -0.93 59.13 -9.39
N GLN A 134 -0.75 58.17 -10.29
CA GLN A 134 0.56 57.57 -10.49
C GLN A 134 1.57 58.59 -10.97
N THR A 135 1.17 59.48 -11.89
CA THR A 135 2.06 60.50 -12.41
C THR A 135 2.40 61.57 -11.38
N ASP A 136 1.70 61.60 -10.24
CA ASP A 136 1.92 62.65 -9.25
C ASP A 136 3.28 62.56 -8.59
N LEU A 137 3.97 61.41 -8.69
CA LEU A 137 5.28 61.23 -8.07
C LEU A 137 6.35 61.88 -8.94
N GLU A 138 6.22 63.18 -9.13
CA GLU A 138 7.21 63.94 -9.88
C GLU A 138 8.41 64.26 -8.98
N PRO A 139 9.59 64.44 -9.57
CA PRO A 139 10.79 64.65 -8.75
C PRO A 139 10.81 66.01 -8.09
N GLY A 140 11.64 66.12 -7.05
CA GLY A 140 11.81 67.35 -6.31
C GLY A 140 10.79 67.60 -5.23
N LYS A 141 9.58 67.07 -5.35
CA LYS A 141 8.58 67.24 -4.31
C LYS A 141 8.63 66.15 -3.25
N TYR A 142 9.42 65.10 -3.46
CA TYR A 142 9.56 64.01 -2.51
C TYR A 142 8.20 63.40 -2.16
N ASN A 143 7.50 62.93 -3.19
CA ASN A 143 6.21 62.27 -3.00
C ASN A 143 6.45 60.80 -2.72
N VAL A 144 5.90 60.32 -1.59
CA VAL A 144 6.13 58.96 -1.13
C VAL A 144 4.78 58.31 -0.86
N ILE A 145 4.63 57.06 -1.28
CA ILE A 145 3.43 56.28 -1.02
C ILE A 145 3.80 55.13 -0.10
N LEU A 146 3.08 54.98 1.01
CA LEU A 146 3.33 53.95 1.99
C LEU A 146 2.28 52.85 1.90
N GLY A 147 2.60 51.69 2.47
CA GLY A 147 1.64 50.62 2.54
C GLY A 147 0.58 50.87 3.60
N GLU A 148 -0.53 50.13 3.49
CA GLU A 148 -1.62 50.31 4.44
C GLU A 148 -1.23 49.86 5.84
N GLN A 149 -0.66 48.66 5.97
CA GLN A 149 -0.24 48.17 7.27
C GLN A 149 0.87 49.03 7.87
N LEU A 150 1.82 49.48 7.05
CA LEU A 150 2.89 50.35 7.54
C LEU A 150 2.33 51.66 8.04
N ALA A 151 1.42 52.28 7.28
CA ALA A 151 0.80 53.53 7.72
C ALA A 151 0.01 53.33 9.00
N SER A 152 -0.71 52.21 9.10
CA SER A 152 -1.46 51.93 10.32
C SER A 152 -0.55 51.78 11.52
N GLN A 153 0.56 51.07 11.36
CA GLN A 153 1.46 50.88 12.49
C GLN A 153 2.11 52.19 12.92
N LEU A 154 2.53 53.01 11.95
CA LEU A 154 3.04 54.33 12.32
C LEU A 154 1.91 55.29 12.67
N GLY A 155 0.74 55.12 12.08
CA GLY A 155 -0.41 55.93 12.43
C GLY A 155 -0.46 57.29 11.79
N VAL A 156 0.05 57.44 10.57
CA VAL A 156 -0.03 58.70 9.84
C VAL A 156 -0.83 58.46 8.56
N ASN A 157 -1.20 59.57 7.91
CA ASN A 157 -2.04 59.51 6.73
C ASN A 157 -1.65 60.67 5.82
N ARG A 158 -2.53 60.99 4.86
CA ARG A 158 -2.22 62.01 3.88
C ARG A 158 -1.88 63.34 4.55
N GLY A 159 -0.82 63.99 4.06
CA GLY A 159 -0.41 65.29 4.55
C GLY A 159 0.55 65.28 5.72
N ASP A 160 0.96 64.12 6.20
CA ASP A 160 1.90 64.02 7.30
C ASP A 160 3.30 63.73 6.77
N GLN A 161 4.30 64.29 7.44
CA GLN A 161 5.69 64.11 7.05
C GLN A 161 6.33 62.97 7.83
N ILE A 162 7.27 62.28 7.17
CA ILE A 162 8.05 61.23 7.82
C ILE A 162 9.51 61.41 7.46
N ARG A 163 10.39 61.13 8.42
CA ARG A 163 11.82 61.20 8.17
C ARG A 163 12.32 59.85 7.68
N VAL A 164 12.94 59.83 6.51
CA VAL A 164 13.51 58.60 5.97
C VAL A 164 15.03 58.71 6.05
N MET A 165 15.67 57.68 6.59
CA MET A 165 17.10 57.68 6.77
C MET A 165 17.72 56.38 6.28
N VAL A 166 18.94 56.49 5.78
CA VAL A 166 19.75 55.36 5.39
C VAL A 166 21.01 55.38 6.24
N PRO A 167 21.23 54.37 7.09
CA PRO A 167 22.49 54.29 7.84
C PRO A 167 23.62 53.63 7.08
N SER A 168 23.32 52.75 6.12
CA SER A 168 24.37 52.12 5.32
C SER A 168 25.15 53.14 4.51
N ALA A 169 24.49 54.22 4.08
CA ALA A 169 25.13 55.28 3.30
C ALA A 169 25.61 56.42 4.18
N SER A 170 25.99 56.15 5.42
CA SER A 170 26.46 57.20 6.31
C SER A 170 27.80 57.76 5.84
N GLN A 171 28.05 59.02 6.19
CA GLN A 171 29.28 59.72 5.84
C GLN A 171 29.98 60.16 7.13
N PHE A 172 31.28 59.96 7.20
CA PHE A 172 32.06 60.36 8.36
C PHE A 172 32.27 61.88 8.35
N THR A 173 32.14 62.50 9.52
CA THR A 173 32.35 63.93 9.70
C THR A 173 32.91 64.15 11.10
N PRO A 174 33.41 65.35 11.43
CA PRO A 174 33.89 65.58 12.81
C PRO A 174 32.84 65.31 13.87
N MET A 175 31.55 65.41 13.55
CA MET A 175 30.48 65.11 14.49
C MET A 175 30.03 63.65 14.40
N GLY A 176 30.89 62.75 13.94
CA GLY A 176 30.57 61.34 13.88
C GLY A 176 30.12 60.90 12.50
N ARG A 177 29.59 59.69 12.44
CA ARG A 177 29.01 59.18 11.20
C ARG A 177 27.55 59.62 11.09
N ILE A 178 27.24 60.36 10.04
CA ILE A 178 25.92 60.92 9.82
C ILE A 178 25.21 60.07 8.77
N PRO A 179 24.09 59.44 9.10
CA PRO A 179 23.34 58.70 8.08
C PRO A 179 22.47 59.64 7.27
N SER A 180 22.26 59.28 6.00
CA SER A 180 21.54 60.17 5.11
C SER A 180 20.08 60.28 5.54
N GLN A 181 19.52 61.47 5.44
CA GLN A 181 18.17 61.70 5.93
C GLN A 181 17.45 62.68 5.01
N ARG A 182 16.12 62.55 4.97
CA ARG A 182 15.29 63.47 4.20
C ARG A 182 13.86 63.36 4.68
N LEU A 183 13.18 64.51 4.71
CA LEU A 183 11.76 64.53 5.02
C LEU A 183 10.94 64.22 3.78
N PHE A 184 9.89 63.43 3.94
CA PHE A 184 9.02 63.03 2.84
C PHE A 184 7.56 63.25 3.19
N ASN A 185 6.78 63.56 2.15
CA ASN A 185 5.37 63.94 2.27
C ASN A 185 4.52 62.81 1.74
N VAL A 186 3.64 62.28 2.58
CA VAL A 186 2.71 61.24 2.14
C VAL A 186 1.73 61.84 1.14
N ILE A 187 1.50 61.12 0.05
CA ILE A 187 0.58 61.54 -0.99
C ILE A 187 -0.58 60.57 -1.14
N GLY A 188 -0.62 59.54 -0.31
CA GLY A 188 -1.70 58.57 -0.36
C GLY A 188 -1.28 57.29 0.34
N THR A 189 -2.07 56.24 0.11
CA THR A 189 -1.82 54.95 0.71
C THR A 189 -1.87 53.87 -0.36
N PHE A 190 -1.08 52.82 -0.15
CA PHE A 190 -1.04 51.66 -1.03
C PHE A 190 -1.62 50.46 -0.28
N ALA A 191 -2.65 49.86 -0.85
CA ALA A 191 -3.37 48.76 -0.20
C ALA A 191 -3.38 47.57 -1.15
N ALA A 192 -2.43 46.66 -0.97
CA ALA A 192 -2.35 45.45 -1.76
C ALA A 192 -2.76 44.20 -1.00
N ASN A 193 -3.00 44.30 0.31
CA ASN A 193 -3.53 43.20 1.11
C ASN A 193 -2.61 41.98 1.06
N SER A 194 -1.31 42.25 1.23
CA SER A 194 -0.30 41.19 1.23
C SER A 194 0.81 41.57 2.18
N GLU A 195 1.74 40.63 2.39
CA GLU A 195 2.91 40.91 3.22
C GLU A 195 3.68 42.10 2.67
N VAL A 196 3.71 42.25 1.34
CA VAL A 196 4.44 43.35 0.71
C VAL A 196 3.90 44.69 1.18
N ASP A 197 2.61 44.78 1.48
CA ASP A 197 2.03 46.03 1.96
C ASP A 197 2.65 46.46 3.27
N GLY A 198 3.24 45.53 4.02
CA GLY A 198 3.86 45.89 5.28
C GLY A 198 5.11 46.72 5.15
N TYR A 199 5.96 46.41 4.17
CA TYR A 199 7.29 47.00 4.13
C TYR A 199 7.67 47.63 2.80
N GLU A 200 6.77 47.70 1.83
CA GLU A 200 7.09 48.29 0.54
C GLU A 200 6.56 49.71 0.46
N MET A 201 7.43 50.64 0.08
CA MET A 201 7.04 52.04 -0.07
C MET A 201 7.72 52.62 -1.30
N LEU A 202 6.97 53.46 -2.02
CA LEU A 202 7.34 53.90 -3.37
C LEU A 202 7.72 55.37 -3.36
N VAL A 203 8.78 55.70 -4.08
CA VAL A 203 9.21 57.08 -4.29
C VAL A 203 9.64 57.26 -5.74
N ASN A 204 9.85 58.52 -6.13
CA ASN A 204 10.33 58.82 -7.46
C ASN A 204 11.79 58.36 -7.61
N ILE A 205 12.15 57.96 -8.82
CA ILE A 205 13.47 57.39 -9.06
C ILE A 205 14.56 58.43 -8.87
N GLU A 206 14.29 59.69 -9.23
CA GLU A 206 15.33 60.71 -9.15
C GLU A 206 15.67 61.05 -7.70
N ASP A 207 14.66 61.29 -6.87
CA ASP A 207 14.91 61.55 -5.46
C ASP A 207 15.53 60.34 -4.79
N ALA A 208 15.09 59.14 -5.19
CA ALA A 208 15.67 57.92 -4.63
C ALA A 208 17.16 57.83 -4.96
N SER A 209 17.53 58.13 -6.20
CA SER A 209 18.93 58.09 -6.59
C SER A 209 19.74 59.13 -5.82
N ARG A 210 19.18 60.34 -5.67
CA ARG A 210 19.87 61.37 -4.91
C ARG A 210 19.99 60.97 -3.44
N LEU A 211 19.06 60.15 -2.95
CA LEU A 211 19.03 59.82 -1.53
C LEU A 211 20.18 58.91 -1.13
N MET A 212 20.56 57.96 -1.98
CA MET A 212 21.65 57.04 -1.68
C MET A 212 23.01 57.63 -1.96
N ARG A 213 23.10 58.95 -2.11
CA ARG A 213 24.36 59.65 -2.35
C ARG A 213 25.01 59.19 -3.66
N TYR A 214 24.19 58.89 -4.66
CA TYR A 214 24.68 58.57 -5.99
C TYR A 214 24.93 59.84 -6.79
N PRO A 215 25.86 59.79 -7.75
CA PRO A 215 25.98 60.89 -8.71
C PRO A 215 24.73 61.02 -9.56
N ALA A 216 24.43 62.25 -9.96
CA ALA A 216 23.20 62.54 -10.67
C ALA A 216 23.12 61.77 -11.98
N GLY A 217 21.92 61.30 -12.31
CA GLY A 217 21.68 60.54 -13.51
C GLY A 217 21.79 59.04 -13.36
N ASN A 218 22.34 58.56 -12.25
CA ASN A 218 22.49 57.13 -12.03
C ASN A 218 21.19 56.51 -11.55
N ILE A 219 21.05 55.21 -11.80
CA ILE A 219 20.00 54.39 -11.22
C ILE A 219 20.66 53.12 -10.69
N THR A 220 19.99 52.48 -9.73
CA THR A 220 20.59 51.30 -9.10
C THR A 220 20.68 50.14 -10.08
N GLY A 221 19.62 49.89 -10.84
CA GLY A 221 19.69 48.79 -11.79
C GLY A 221 18.41 48.61 -12.58
N TRP A 222 18.34 47.43 -13.22
CA TRP A 222 17.19 47.06 -14.04
C TRP A 222 16.41 45.97 -13.33
N ARG A 223 15.12 46.23 -13.08
CA ARG A 223 14.21 45.21 -12.61
C ARG A 223 13.70 44.40 -13.80
N LEU A 224 13.74 43.09 -13.64
CA LEU A 224 13.38 42.14 -14.68
C LEU A 224 12.25 41.26 -14.19
N TRP A 225 11.23 41.09 -15.03
CA TRP A 225 10.10 40.23 -14.73
C TRP A 225 10.26 38.92 -15.48
N LEU A 226 9.82 37.83 -14.88
CA LEU A 226 9.97 36.50 -15.47
C LEU A 226 8.60 35.88 -15.68
N ASP A 227 8.49 35.06 -16.73
CA ASP A 227 7.26 34.33 -16.96
C ASP A 227 7.08 33.21 -15.94
N GLU A 228 8.17 32.57 -15.52
CA GLU A 228 8.14 31.53 -14.50
C GLU A 228 9.31 31.73 -13.56
N PRO A 229 9.13 32.47 -12.46
CA PRO A 229 10.25 32.72 -11.54
C PRO A 229 10.76 31.48 -10.81
N LEU A 230 9.99 30.39 -10.77
CA LEU A 230 10.40 29.20 -10.03
C LEU A 230 11.71 28.61 -10.53
N LYS A 231 12.26 29.10 -11.64
CA LYS A 231 13.53 28.62 -12.16
C LYS A 231 14.61 29.70 -12.16
N VAL A 232 14.52 30.67 -11.24
CA VAL A 232 15.52 31.74 -11.21
C VAL A 232 16.93 31.19 -11.10
N ASP A 233 17.11 30.11 -10.33
CA ASP A 233 18.43 29.49 -10.24
C ASP A 233 18.99 29.15 -11.62
N SER A 234 18.18 28.54 -12.48
CA SER A 234 18.63 28.27 -13.85
C SER A 234 18.94 29.57 -14.57
N LEU A 235 18.09 30.59 -14.39
CA LEU A 235 18.37 31.89 -14.98
C LEU A 235 19.63 32.51 -14.40
N SER A 236 20.02 32.11 -13.19
CA SER A 236 21.28 32.58 -12.64
C SER A 236 22.48 32.04 -13.40
N GLN A 237 22.33 30.93 -14.11
CA GLN A 237 23.42 30.35 -14.88
C GLN A 237 23.58 30.99 -16.26
N GLN A 238 22.65 31.84 -16.67
CA GLN A 238 22.72 32.47 -17.98
C GLN A 238 23.94 33.41 -18.06
N LYS A 239 24.46 33.54 -19.27
CA LYS A 239 25.54 34.49 -19.51
C LYS A 239 25.01 35.91 -19.38
N LEU A 240 25.71 36.72 -18.60
CA LEU A 240 25.27 38.09 -18.38
C LEU A 240 26.19 39.07 -19.10
N PRO A 241 25.70 40.25 -19.45
CA PRO A 241 26.56 41.26 -20.06
C PRO A 241 27.72 41.61 -19.12
N GLU A 242 28.87 41.91 -19.73
CA GLU A 242 30.09 42.09 -18.96
C GLU A 242 29.97 43.26 -17.99
N GLY A 243 30.58 43.09 -16.82
CA GLY A 243 30.59 44.13 -15.80
C GLY A 243 29.37 44.19 -14.92
N SER A 244 28.41 43.29 -15.08
CA SER A 244 27.18 43.31 -14.32
C SER A 244 27.19 42.24 -13.23
N LYS A 245 26.27 42.38 -12.28
CA LYS A 245 26.01 41.33 -11.31
C LYS A 245 24.51 41.08 -11.22
N TRP A 246 24.19 39.84 -10.87
CA TRP A 246 22.82 39.32 -10.80
C TRP A 246 22.36 39.26 -9.35
N GLN A 247 21.15 39.76 -9.09
CA GLN A 247 20.51 39.56 -7.80
C GLN A 247 19.05 39.24 -8.03
N ASP A 248 18.45 38.59 -7.04
CA ASP A 248 17.14 37.99 -7.22
C ASP A 248 16.43 37.93 -5.87
N TRP A 249 15.20 37.39 -5.90
CA TRP A 249 14.35 37.46 -4.72
C TRP A 249 14.84 36.53 -3.61
N ARG A 250 15.59 35.48 -3.94
CA ARG A 250 16.00 34.55 -2.89
C ARG A 250 16.91 35.21 -1.87
N ASP A 251 17.37 36.42 -2.14
CA ASP A 251 18.13 37.18 -1.14
C ASP A 251 17.26 37.46 0.08
N ARG A 252 15.99 37.82 -0.12
CA ARG A 252 15.10 38.14 1.00
C ARG A 252 14.11 37.02 1.30
N LYS A 253 13.31 36.61 0.31
CA LYS A 253 12.22 35.66 0.56
C LYS A 253 12.54 34.27 0.03
N GLY A 254 13.81 33.95 -0.18
CA GLY A 254 14.15 32.63 -0.69
C GLY A 254 13.82 31.52 0.28
N GLU A 255 14.31 31.63 1.52
CA GLU A 255 14.18 30.55 2.49
C GLU A 255 12.73 30.12 2.64
N LEU A 256 11.83 31.09 2.85
CA LEU A 256 10.41 30.76 2.96
C LEU A 256 9.95 29.94 1.77
N PHE A 257 10.21 30.42 0.55
CA PHE A 257 9.83 29.64 -0.61
C PHE A 257 10.55 28.32 -0.63
N GLN A 258 11.85 28.32 -0.32
CA GLN A 258 12.56 27.06 -0.17
C GLN A 258 11.82 26.16 0.80
N ALA A 259 11.48 26.70 1.98
CA ALA A 259 10.72 25.92 2.95
C ALA A 259 9.47 25.34 2.31
N VAL A 260 8.71 26.18 1.59
CA VAL A 260 7.49 25.70 0.95
C VAL A 260 7.81 24.53 0.05
N ARG A 261 8.80 24.71 -0.83
CA ARG A 261 9.17 23.62 -1.72
C ARG A 261 9.52 22.38 -0.92
N MET A 262 10.34 22.55 0.12
CA MET A 262 10.69 21.41 0.95
C MET A 262 9.44 20.74 1.47
N GLU A 263 8.54 21.52 2.08
CA GLU A 263 7.34 20.90 2.63
C GLU A 263 6.61 20.12 1.55
N LYS A 264 6.52 20.69 0.35
CA LYS A 264 5.86 20.00 -0.73
C LYS A 264 6.45 18.61 -0.93
N ASN A 265 7.76 18.54 -1.17
CA ASN A 265 8.31 17.22 -1.48
C ASN A 265 8.27 16.32 -0.26
N MET A 266 8.23 16.89 0.95
CA MET A 266 8.02 16.04 2.11
C MET A 266 6.68 15.33 2.00
N MET A 267 5.60 16.10 1.78
CA MET A 267 4.34 15.46 1.47
C MET A 267 4.47 14.68 0.18
N GLY A 268 5.33 15.13 -0.73
CA GLY A 268 5.55 14.41 -1.96
C GLY A 268 5.99 12.98 -1.72
N LEU A 269 6.66 12.73 -0.60
CA LEU A 269 6.96 11.34 -0.27
C LEU A 269 5.90 10.76 0.67
N LEU A 270 5.33 11.59 1.54
CA LEU A 270 4.44 11.07 2.59
C LEU A 270 3.20 10.41 2.00
N LEU A 271 2.75 10.85 0.83
CA LEU A 271 1.69 10.16 0.11
C LEU A 271 2.25 9.18 -0.91
N SER A 272 3.45 9.45 -1.45
CA SER A 272 4.04 8.54 -2.42
C SER A 272 4.15 7.13 -1.88
N LEU A 273 4.33 6.99 -0.56
CA LEU A 273 4.45 5.67 0.04
C LEU A 273 3.28 4.79 -0.36
N ILE A 274 2.09 5.37 -0.54
CA ILE A 274 0.93 4.59 -0.95
C ILE A 274 1.26 3.76 -2.19
N VAL A 275 1.75 4.40 -3.25
CA VAL A 275 1.99 3.63 -4.47
C VAL A 275 3.05 2.58 -4.22
N ALA A 276 4.05 2.89 -3.39
CA ALA A 276 5.06 1.88 -3.06
C ALA A 276 4.39 0.65 -2.45
N VAL A 277 3.47 0.86 -1.51
CA VAL A 277 2.75 -0.27 -0.93
C VAL A 277 1.97 -0.99 -2.02
N ALA A 278 1.32 -0.23 -2.91
CA ALA A 278 0.62 -0.85 -4.03
C ALA A 278 1.55 -1.74 -4.83
N ALA A 279 2.79 -1.30 -5.04
CA ALA A 279 3.75 -2.11 -5.77
C ALA A 279 3.92 -3.47 -5.11
N PHE A 280 4.03 -3.49 -3.79
CA PHE A 280 4.14 -4.75 -3.07
C PHE A 280 2.99 -5.67 -3.43
N ASN A 281 1.76 -5.13 -3.42
CA ASN A 281 0.60 -5.93 -3.77
C ASN A 281 0.79 -6.63 -5.10
N ILE A 282 1.36 -5.92 -6.08
CA ILE A 282 1.53 -6.50 -7.41
C ILE A 282 2.30 -7.81 -7.30
N ILE A 283 3.41 -7.80 -6.56
CA ILE A 283 4.20 -9.02 -6.43
C ILE A 283 3.34 -10.14 -5.89
N THR A 284 2.62 -9.87 -4.80
CA THR A 284 1.76 -10.89 -4.22
C THR A 284 0.72 -11.36 -5.22
N SER A 285 0.18 -10.43 -6.03
CA SER A 285 -0.76 -10.83 -7.05
C SER A 285 -0.15 -11.90 -7.95
N LEU A 286 1.07 -11.66 -8.43
CA LEU A 286 1.73 -12.68 -9.23
C LEU A 286 2.02 -13.91 -8.40
N GLY A 287 2.38 -13.72 -7.12
CA GLY A 287 2.55 -14.85 -6.24
C GLY A 287 1.30 -15.70 -6.16
N LEU A 288 0.14 -15.09 -6.36
CA LEU A 288 -1.07 -15.86 -6.60
C LEU A 288 -1.01 -16.53 -7.96
N MET A 289 -0.95 -15.73 -9.02
CA MET A 289 -1.18 -16.24 -10.37
C MET A 289 -0.19 -17.34 -10.73
N VAL A 290 1.08 -17.19 -10.37
CA VAL A 290 2.06 -18.22 -10.67
C VAL A 290 1.63 -19.54 -10.05
N MET A 291 1.34 -19.53 -8.75
CA MET A 291 0.89 -20.77 -8.13
C MET A 291 -0.49 -21.18 -8.62
N GLU A 292 -1.26 -20.25 -9.17
CA GLU A 292 -2.54 -20.58 -9.76
C GLU A 292 -2.43 -20.95 -11.23
N LYS A 293 -1.23 -20.84 -11.82
CA LYS A 293 -1.09 -21.11 -13.24
C LYS A 293 0.19 -21.89 -13.54
N GLN A 294 0.94 -22.28 -12.52
CA GLN A 294 2.15 -23.07 -12.73
C GLN A 294 1.84 -24.32 -13.53
N GLY A 295 0.87 -25.11 -13.05
CA GLY A 295 0.46 -26.32 -13.74
C GLY A 295 0.04 -26.13 -15.17
N GLU A 296 -0.03 -24.89 -15.64
CA GLU A 296 -0.31 -24.60 -17.03
C GLU A 296 0.89 -24.02 -17.78
N VAL A 297 1.69 -23.19 -17.12
CA VAL A 297 2.77 -22.50 -17.82
C VAL A 297 3.77 -23.50 -18.39
N ALA A 298 3.96 -24.62 -17.70
CA ALA A 298 4.87 -25.66 -18.18
C ALA A 298 4.49 -26.13 -19.58
N ILE A 299 3.19 -26.24 -19.85
CA ILE A 299 2.76 -26.62 -21.20
C ILE A 299 3.26 -25.61 -22.22
N LEU A 300 3.13 -24.32 -21.90
CA LEU A 300 3.68 -23.30 -22.78
C LEU A 300 5.18 -23.47 -22.93
N GLN A 301 5.85 -23.94 -21.87
CA GLN A 301 7.25 -24.31 -21.96
C GLN A 301 7.49 -25.47 -22.91
N THR A 302 6.63 -26.48 -22.90
CA THR A 302 6.73 -27.56 -23.87
C THR A 302 6.48 -27.08 -25.29
N GLN A 303 5.92 -25.90 -25.45
CA GLN A 303 5.79 -25.27 -26.74
C GLN A 303 7.06 -24.48 -27.03
N GLY A 304 7.06 -23.65 -28.06
CA GLY A 304 8.27 -22.93 -28.41
C GLY A 304 8.56 -21.72 -27.55
N LEU A 305 7.80 -21.52 -26.48
CA LEU A 305 7.97 -20.32 -25.66
C LEU A 305 9.37 -20.27 -25.04
N THR A 306 10.14 -19.27 -25.44
CA THR A 306 11.42 -19.03 -24.81
C THR A 306 11.20 -18.53 -23.38
N PRO A 307 12.10 -18.88 -22.46
CA PRO A 307 12.04 -18.27 -21.11
C PRO A 307 12.03 -16.75 -21.18
N ARG A 308 12.83 -16.17 -22.08
CA ARG A 308 12.79 -14.73 -22.31
C ARG A 308 11.45 -14.28 -22.88
N GLN A 309 10.63 -15.20 -23.37
CA GLN A 309 9.28 -14.84 -23.79
C GLN A 309 8.28 -14.95 -22.64
N ILE A 310 8.46 -15.91 -21.74
CA ILE A 310 7.55 -16.02 -20.60
C ILE A 310 7.77 -14.88 -19.62
N MET A 311 9.04 -14.51 -19.40
CA MET A 311 9.30 -13.30 -18.62
C MET A 311 8.50 -12.13 -19.19
N MET A 312 8.49 -12.01 -20.51
CA MET A 312 7.72 -10.95 -21.15
C MET A 312 6.22 -11.13 -20.93
N VAL A 313 5.72 -12.36 -21.03
CA VAL A 313 4.27 -12.53 -20.97
C VAL A 313 3.75 -12.22 -19.58
N PHE A 314 4.57 -12.37 -18.55
CA PHE A 314 4.10 -11.93 -17.24
C PHE A 314 4.37 -10.45 -16.99
N MET A 315 5.54 -9.96 -17.41
CA MET A 315 5.85 -8.55 -17.23
C MET A 315 4.88 -7.65 -17.99
N VAL A 316 4.37 -8.08 -19.15
CA VAL A 316 3.43 -7.27 -19.89
C VAL A 316 2.09 -7.21 -19.18
N GLN A 317 1.68 -8.30 -18.53
CA GLN A 317 0.47 -8.25 -17.72
C GLN A 317 0.62 -7.27 -16.56
N GLY A 318 1.77 -7.34 -15.88
CA GLY A 318 2.03 -6.40 -14.80
C GLY A 318 2.01 -4.97 -15.29
N ALA A 319 2.68 -4.73 -16.41
CA ALA A 319 2.70 -3.39 -16.99
C ALA A 319 1.34 -2.94 -17.46
N SER A 320 0.50 -3.84 -17.97
CA SER A 320 -0.85 -3.47 -18.36
C SER A 320 -1.65 -3.02 -17.15
N ALA A 321 -1.54 -3.75 -16.05
CA ALA A 321 -2.18 -3.31 -14.81
C ALA A 321 -1.68 -1.94 -14.40
N GLY A 322 -0.37 -1.73 -14.45
CA GLY A 322 0.19 -0.43 -14.09
C GLY A 322 -0.32 0.69 -14.97
N ILE A 323 -0.34 0.46 -16.29
CA ILE A 323 -0.77 1.49 -17.23
C ILE A 323 -2.22 1.85 -17.01
N ILE A 324 -3.10 0.85 -16.94
CA ILE A 324 -4.52 1.15 -16.77
C ILE A 324 -4.75 1.88 -15.46
N GLY A 325 -4.09 1.42 -14.38
CA GLY A 325 -4.25 2.10 -13.10
C GLY A 325 -3.80 3.54 -13.15
N ALA A 326 -2.61 3.77 -13.72
CA ALA A 326 -2.07 5.12 -13.74
C ALA A 326 -2.93 6.07 -14.57
N ILE A 327 -3.34 5.63 -15.76
CA ILE A 327 -4.14 6.50 -16.62
C ILE A 327 -5.49 6.79 -15.98
N LEU A 328 -6.16 5.75 -15.47
CA LEU A 328 -7.46 5.99 -14.85
C LEU A 328 -7.33 6.90 -13.64
N GLY A 329 -6.29 6.71 -12.82
CA GLY A 329 -6.11 7.56 -11.68
C GLY A 329 -5.81 9.00 -12.05
N ALA A 330 -5.01 9.20 -13.10
CA ALA A 330 -4.76 10.56 -13.56
C ALA A 330 -6.03 11.22 -14.05
N ALA A 331 -6.87 10.46 -14.77
CA ALA A 331 -8.13 11.03 -15.25
C ALA A 331 -9.04 11.40 -14.09
N LEU A 332 -9.18 10.52 -13.11
CA LEU A 332 -10.01 10.84 -11.95
C LEU A 332 -9.45 12.00 -11.15
N GLY A 333 -8.13 12.10 -11.02
CA GLY A 333 -7.55 13.24 -10.33
C GLY A 333 -7.80 14.54 -11.06
N ALA A 334 -7.65 14.54 -12.39
CA ALA A 334 -7.94 15.73 -13.17
C ALA A 334 -9.41 16.13 -13.05
N LEU A 335 -10.32 15.16 -13.09
CA LEU A 335 -11.73 15.46 -12.91
C LEU A 335 -12.02 16.01 -11.52
N LEU A 336 -11.39 15.45 -10.49
CA LEU A 336 -11.57 15.94 -9.13
C LEU A 336 -10.92 17.30 -8.93
N ALA A 337 -9.77 17.53 -9.56
CA ALA A 337 -9.17 18.85 -9.55
C ALA A 337 -9.99 19.79 -10.42
N SER A 338 -9.84 21.09 -10.15
CA SER A 338 -10.50 22.16 -10.89
C SER A 338 -12.01 22.14 -10.65
N GLN A 339 -12.49 21.17 -9.87
CA GLN A 339 -13.90 21.06 -9.55
C GLN A 339 -14.15 20.90 -8.06
N LEU A 340 -13.12 20.63 -7.27
CA LEU A 340 -13.30 20.41 -5.84
C LEU A 340 -13.91 21.64 -5.17
N ASN A 341 -13.71 22.82 -5.75
CA ASN A 341 -14.37 24.03 -5.25
C ASN A 341 -15.88 23.89 -5.32
N ASN A 342 -16.39 23.11 -6.28
CA ASN A 342 -17.83 22.93 -6.40
C ASN A 342 -18.36 21.93 -5.38
N LEU A 343 -17.64 20.81 -5.19
CA LEU A 343 -18.14 19.76 -4.31
C LEU A 343 -17.95 20.12 -2.84
N MET A 344 -16.91 20.88 -2.51
CA MET A 344 -16.57 21.12 -1.11
C MET A 344 -17.67 21.82 -0.33
N PRO A 345 -18.31 22.89 -0.82
CA PRO A 345 -19.27 23.62 0.04
C PRO A 345 -20.45 22.80 0.51
N ILE A 346 -20.95 21.85 -0.29
CA ILE A 346 -22.12 21.09 0.11
C ILE A 346 -21.83 20.23 1.33
N ILE A 347 -20.56 19.99 1.64
CA ILE A 347 -20.16 19.31 2.86
C ILE A 347 -19.38 20.31 3.71
N GLY A 348 -18.97 19.89 4.90
CA GLY A 348 -18.23 20.77 5.79
C GLY A 348 -16.93 21.26 5.20
N VAL A 349 -16.70 22.57 5.25
CA VAL A 349 -15.49 23.19 4.71
C VAL A 349 -14.67 23.72 5.89
N LEU A 350 -13.40 23.31 5.95
CA LEU A 350 -12.55 23.71 7.07
C LEU A 350 -12.11 25.16 6.96
N LEU A 351 -11.73 25.59 5.76
CA LEU A 351 -11.14 26.91 5.61
C LEU A 351 -12.22 27.99 5.57
N ASP A 352 -11.84 29.18 6.06
CA ASP A 352 -12.74 30.32 6.15
C ASP A 352 -12.39 31.32 5.05
N GLY A 353 -13.42 31.91 4.46
CA GLY A 353 -13.23 32.85 3.36
C GLY A 353 -13.20 32.16 2.01
N ALA A 354 -12.12 32.36 1.26
CA ALA A 354 -11.95 31.65 0.00
C ALA A 354 -11.90 30.15 0.25
N ALA A 355 -12.60 29.39 -0.59
CA ALA A 355 -12.73 27.96 -0.35
C ALA A 355 -11.41 27.23 -0.56
N LEU A 356 -10.88 27.26 -1.78
CA LEU A 356 -9.65 26.54 -2.07
C LEU A 356 -9.06 26.95 -3.42
N PRO A 357 -7.78 27.33 -3.46
CA PRO A 357 -7.12 27.50 -4.76
C PRO A 357 -6.69 26.15 -5.31
N VAL A 358 -6.83 25.99 -6.62
CA VAL A 358 -6.46 24.76 -7.31
C VAL A 358 -5.73 25.14 -8.60
N ALA A 359 -4.45 24.81 -8.67
CA ALA A 359 -3.66 24.97 -9.89
C ALA A 359 -3.06 23.62 -10.24
N ILE A 360 -3.34 23.13 -11.43
CA ILE A 360 -2.87 21.82 -11.89
C ILE A 360 -1.82 22.03 -12.96
N GLU A 361 -0.64 21.44 -12.76
CA GLU A 361 0.43 21.50 -13.74
C GLU A 361 0.58 20.13 -14.38
N PRO A 362 0.36 19.98 -15.69
CA PRO A 362 0.46 18.66 -16.31
C PRO A 362 1.83 18.01 -16.19
N LEU A 363 2.90 18.79 -16.02
CA LEU A 363 4.22 18.21 -15.89
C LEU A 363 4.31 17.30 -14.67
N GLN A 364 3.76 17.75 -13.54
CA GLN A 364 3.76 16.93 -12.34
C GLN A 364 2.98 15.64 -12.56
N VAL A 365 1.83 15.74 -13.22
CA VAL A 365 1.00 14.56 -13.46
C VAL A 365 1.75 13.57 -14.33
N ILE A 366 2.43 14.07 -15.37
CA ILE A 366 3.17 13.18 -16.24
C ILE A 366 4.32 12.52 -15.48
N VAL A 367 5.05 13.28 -14.66
CA VAL A 367 6.17 12.71 -13.92
C VAL A 367 5.69 11.61 -12.99
N ILE A 368 4.62 11.87 -12.23
CA ILE A 368 4.15 10.84 -11.32
C ILE A 368 3.58 9.65 -12.08
N ALA A 369 3.01 9.87 -13.27
CA ALA A 369 2.52 8.74 -14.06
C ALA A 369 3.66 7.83 -14.48
N LEU A 370 4.76 8.40 -14.99
CA LEU A 370 5.91 7.58 -15.36
C LEU A 370 6.54 6.92 -14.13
N VAL A 371 6.54 7.60 -12.99
CA VAL A 371 7.06 6.99 -11.78
C VAL A 371 6.23 5.75 -11.41
N ALA A 372 4.91 5.89 -11.49
CA ALA A 372 4.05 4.74 -11.24
C ALA A 372 4.33 3.61 -12.22
N MET A 373 4.53 3.96 -13.49
CA MET A 373 4.85 2.95 -14.50
C MET A 373 6.11 2.18 -14.12
N ALA A 374 7.17 2.91 -13.79
CA ALA A 374 8.45 2.27 -13.47
C ALA A 374 8.35 1.42 -12.21
N ILE A 375 7.65 1.92 -11.19
CA ILE A 375 7.51 1.15 -9.96
C ILE A 375 6.74 -0.13 -10.21
N ALA A 376 5.68 -0.06 -11.02
CA ALA A 376 4.94 -1.26 -11.36
C ALA A 376 5.81 -2.25 -12.12
N LEU A 377 6.62 -1.75 -13.06
CA LEU A 377 7.50 -2.65 -13.82
C LEU A 377 8.51 -3.35 -12.92
N LEU A 378 9.18 -2.59 -12.05
CA LEU A 378 10.13 -3.20 -11.13
C LEU A 378 9.45 -4.19 -10.19
N SER A 379 8.24 -3.87 -9.74
CA SER A 379 7.52 -4.81 -8.88
C SER A 379 7.21 -6.10 -9.62
N THR A 380 6.74 -6.02 -10.86
CA THR A 380 6.36 -7.22 -11.58
C THR A 380 7.56 -7.98 -12.13
N LEU A 381 8.75 -7.38 -12.09
CA LEU A 381 9.92 -8.06 -12.64
C LEU A 381 10.22 -9.39 -11.96
N TYR A 382 10.33 -9.39 -10.63
CA TYR A 382 10.94 -10.54 -9.94
C TYR A 382 10.15 -11.83 -10.08
N PRO A 383 8.85 -11.88 -9.78
CA PRO A 383 8.12 -13.16 -9.88
C PRO A 383 8.16 -13.75 -11.29
N SER A 384 8.16 -12.89 -12.30
CA SER A 384 8.26 -13.38 -13.67
C SER A 384 9.57 -14.14 -13.88
N TRP A 385 10.68 -13.58 -13.43
CA TRP A 385 11.97 -14.26 -13.57
C TRP A 385 11.99 -15.56 -12.78
N ARG A 386 11.43 -15.54 -11.56
CA ARG A 386 11.37 -16.77 -10.78
C ARG A 386 10.58 -17.85 -11.50
N ALA A 387 9.45 -17.47 -12.10
CA ALA A 387 8.67 -18.45 -12.86
C ALA A 387 9.44 -18.96 -14.06
N ALA A 388 10.15 -18.07 -14.76
CA ALA A 388 10.90 -18.47 -15.94
C ALA A 388 12.01 -19.45 -15.59
N ALA A 389 12.74 -19.17 -14.52
CA ALA A 389 13.90 -19.98 -14.16
C ALA A 389 13.55 -21.37 -13.67
N THR A 390 12.27 -21.63 -13.38
CA THR A 390 11.86 -22.93 -12.85
C THR A 390 11.78 -23.94 -13.99
N GLN A 391 12.47 -25.06 -13.84
CA GLN A 391 12.44 -26.09 -14.86
C GLN A 391 11.11 -26.84 -14.81
N PRO A 392 10.64 -27.36 -15.95
CA PRO A 392 9.30 -27.95 -16.00
C PRO A 392 9.10 -29.14 -15.07
N ALA A 393 10.13 -29.96 -14.87
CA ALA A 393 9.96 -31.18 -14.09
C ALA A 393 9.61 -30.86 -12.63
N GLU A 394 10.35 -29.94 -12.02
CA GLU A 394 10.08 -29.56 -10.64
C GLU A 394 8.71 -28.92 -10.49
N ALA A 395 8.25 -28.17 -11.50
CA ALA A 395 6.89 -27.67 -11.48
C ALA A 395 5.87 -28.80 -11.52
N LEU A 396 6.10 -29.78 -12.40
CA LEU A 396 5.23 -30.95 -12.44
C LEU A 396 5.45 -31.85 -11.23
N ARG A 397 6.70 -32.11 -10.89
CA ARG A 397 7.04 -32.97 -9.75
C ARG A 397 8.43 -32.64 -9.21
N ASN B 2 18.77 -45.78 -41.13
CA ASN B 2 17.79 -46.29 -40.18
C ASN B 2 17.45 -45.13 -39.24
N LYS B 3 17.92 -45.21 -38.00
CA LYS B 3 17.80 -44.10 -37.07
C LYS B 3 18.78 -43.00 -37.42
N ILE B 4 18.26 -41.81 -37.73
CA ILE B 4 19.07 -40.62 -37.98
C ILE B 4 18.68 -39.47 -37.07
N LEU B 5 17.38 -39.29 -36.85
CA LEU B 5 16.91 -38.10 -36.15
C LEU B 5 17.37 -38.08 -34.70
N LEU B 6 17.11 -39.16 -33.96
CA LEU B 6 17.22 -39.15 -32.50
C LEU B 6 18.21 -40.20 -32.05
N GLN B 7 19.15 -39.83 -31.17
CA GLN B 7 20.10 -40.78 -30.62
C GLN B 7 20.32 -40.47 -29.14
N CYS B 8 20.14 -41.48 -28.30
CA CYS B 8 20.33 -41.35 -26.86
C CYS B 8 21.66 -41.97 -26.44
N ASP B 9 22.40 -41.28 -25.57
CA ASP B 9 23.74 -41.70 -25.23
C ASP B 9 23.92 -41.71 -23.73
N ASN B 10 23.96 -42.91 -23.14
CA ASN B 10 24.33 -43.11 -21.74
C ASN B 10 23.44 -42.29 -20.80
N LEU B 11 22.13 -42.41 -20.95
CA LEU B 11 21.20 -41.60 -20.19
C LEU B 11 21.26 -41.90 -18.70
N CYS B 12 21.73 -40.94 -17.91
CA CYS B 12 21.80 -41.05 -16.46
C CYS B 12 21.21 -39.80 -15.84
N LYS B 13 20.45 -39.99 -14.76
CA LYS B 13 19.80 -38.87 -14.09
C LYS B 13 19.63 -39.16 -12.61
N ARG B 14 20.08 -38.21 -11.80
CA ARG B 14 19.85 -38.20 -10.36
C ARG B 14 19.51 -36.77 -9.94
N TYR B 15 18.45 -36.61 -9.14
CA TYR B 15 17.98 -35.28 -8.76
C TYR B 15 17.86 -35.14 -7.26
N GLN B 16 18.69 -35.87 -6.51
CA GLN B 16 18.70 -35.78 -5.05
C GLN B 16 20.15 -35.93 -4.58
N GLU B 17 20.33 -35.94 -3.26
CA GLU B 17 21.65 -35.89 -2.67
C GLU B 17 22.23 -37.30 -2.53
N GLY B 18 23.38 -37.39 -1.85
CA GLY B 18 24.11 -38.64 -1.80
C GLY B 18 23.40 -39.69 -0.95
N SER B 19 23.87 -40.93 -1.09
CA SER B 19 23.41 -42.08 -0.31
C SER B 19 21.98 -42.47 -0.69
N VAL B 20 21.02 -41.58 -0.44
CA VAL B 20 19.63 -41.87 -0.77
C VAL B 20 19.41 -41.83 -2.28
N GLN B 21 20.40 -41.36 -3.04
CA GLN B 21 20.29 -41.24 -4.49
C GLN B 21 19.99 -42.57 -5.16
N THR B 22 18.81 -42.68 -5.77
CA THR B 22 18.48 -43.86 -6.54
C THR B 22 18.92 -43.70 -7.99
N ASP B 23 19.54 -44.73 -8.54
CA ASP B 23 19.95 -44.73 -9.94
C ASP B 23 18.76 -45.15 -10.79
N VAL B 24 17.80 -44.25 -10.95
CA VAL B 24 16.67 -44.53 -11.82
C VAL B 24 17.12 -44.59 -13.28
N LEU B 25 18.07 -43.76 -13.68
CA LEU B 25 18.72 -43.86 -14.98
C LEU B 25 20.22 -43.88 -14.77
N HIS B 26 20.89 -44.83 -15.42
CA HIS B 26 22.33 -44.92 -15.34
C HIS B 26 22.83 -45.77 -16.50
N ASN B 27 23.60 -45.14 -17.40
CA ASN B 27 24.13 -45.79 -18.60
C ASN B 27 23.01 -46.45 -19.41
N VAL B 28 22.00 -45.65 -19.75
CA VAL B 28 20.85 -46.12 -20.52
C VAL B 28 21.00 -45.55 -21.94
N SER B 29 20.93 -46.44 -22.94
CA SER B 29 21.07 -46.06 -24.33
C SER B 29 19.88 -46.57 -25.11
N PHE B 30 19.46 -45.80 -26.12
CA PHE B 30 18.28 -46.09 -26.91
C PHE B 30 18.61 -46.16 -28.39
N SER B 31 17.77 -46.90 -29.12
CA SER B 31 17.79 -46.96 -30.58
C SER B 31 16.40 -46.55 -31.04
N VAL B 32 16.20 -45.24 -31.22
CA VAL B 32 14.90 -44.69 -31.58
C VAL B 32 14.89 -44.45 -33.09
N GLY B 33 14.06 -45.20 -33.80
CA GLY B 33 13.98 -45.14 -35.25
C GLY B 33 12.77 -44.34 -35.71
N GLU B 34 12.92 -43.66 -36.84
CA GLU B 34 11.83 -42.88 -37.40
C GLU B 34 10.95 -43.74 -38.29
N GLY B 35 9.63 -43.62 -38.12
CA GLY B 35 8.67 -44.40 -38.86
C GLY B 35 8.17 -45.63 -38.13
N GLU B 36 8.85 -46.06 -37.09
CA GLU B 36 8.47 -47.21 -36.29
C GLU B 36 7.78 -46.76 -34.99
N MET B 37 7.10 -47.70 -34.35
CA MET B 37 6.32 -47.44 -33.13
C MET B 37 6.95 -48.19 -31.97
N MET B 38 7.80 -47.52 -31.19
CA MET B 38 8.24 -48.07 -29.91
C MET B 38 7.22 -47.77 -28.83
N ALA B 39 6.91 -48.76 -28.01
CA ALA B 39 6.01 -48.60 -26.88
C ALA B 39 6.68 -49.18 -25.64
N ILE B 40 6.53 -48.48 -24.51
CA ILE B 40 7.06 -48.94 -23.24
C ILE B 40 5.89 -49.21 -22.30
N VAL B 41 5.99 -50.32 -21.57
CA VAL B 41 4.94 -50.76 -20.68
C VAL B 41 5.55 -50.98 -19.29
N GLY B 42 4.71 -50.81 -18.28
CA GLY B 42 5.15 -50.98 -16.91
C GLY B 42 4.10 -50.49 -15.94
N SER B 43 4.45 -50.54 -14.67
CA SER B 43 3.57 -50.12 -13.59
C SER B 43 3.84 -48.66 -13.25
N SER B 44 3.00 -48.12 -12.38
CA SER B 44 3.18 -46.74 -11.92
C SER B 44 4.43 -46.63 -11.07
N GLY B 45 5.14 -45.52 -11.22
CA GLY B 45 6.36 -45.30 -10.48
C GLY B 45 7.51 -46.18 -10.87
N SER B 46 7.47 -46.77 -12.07
CA SER B 46 8.54 -47.62 -12.57
C SER B 46 9.41 -46.89 -13.59
N GLY B 47 9.56 -45.59 -13.41
CA GLY B 47 10.37 -44.78 -14.31
C GLY B 47 9.82 -44.63 -15.71
N LYS B 48 8.49 -44.69 -15.86
CA LYS B 48 7.87 -44.48 -17.16
C LYS B 48 7.75 -43.00 -17.51
N SER B 49 7.60 -42.13 -16.52
CA SER B 49 7.40 -40.72 -16.79
C SER B 49 8.70 -39.96 -16.96
N THR B 50 9.57 -39.96 -15.95
CA THR B 50 10.77 -39.13 -15.97
C THR B 50 11.66 -39.48 -17.15
N LEU B 51 11.82 -40.78 -17.43
CA LEU B 51 12.58 -41.20 -18.58
C LEU B 51 12.11 -40.50 -19.85
N LEU B 52 10.81 -40.53 -20.11
CA LEU B 52 10.36 -40.05 -21.41
C LEU B 52 10.30 -38.53 -21.44
N HIS B 53 10.09 -37.88 -20.27
CA HIS B 53 10.29 -36.43 -20.24
C HIS B 53 11.73 -36.04 -20.52
N LEU B 54 12.69 -36.90 -20.18
CA LEU B 54 14.08 -36.60 -20.53
C LEU B 54 14.28 -36.57 -22.04
N LEU B 55 13.51 -37.37 -22.78
CA LEU B 55 13.62 -37.39 -24.23
C LEU B 55 13.27 -36.06 -24.87
N GLY B 56 12.49 -35.22 -24.21
CA GLY B 56 12.11 -33.95 -24.81
C GLY B 56 13.12 -32.84 -24.65
N GLY B 57 14.26 -33.11 -24.01
CA GLY B 57 15.19 -32.05 -23.71
C GLY B 57 14.71 -31.11 -22.63
N LEU B 58 13.71 -31.52 -21.85
CA LEU B 58 13.14 -30.64 -20.85
C LEU B 58 14.09 -30.47 -19.66
N ASP B 59 14.87 -31.51 -19.36
CA ASP B 59 15.81 -31.50 -18.25
C ASP B 59 17.20 -31.79 -18.74
N THR B 60 18.18 -31.55 -17.89
CA THR B 60 19.57 -31.87 -18.20
C THR B 60 19.97 -33.18 -17.51
N PRO B 61 20.29 -34.23 -18.26
CA PRO B 61 20.72 -35.48 -17.62
C PRO B 61 22.08 -35.30 -16.96
N THR B 62 22.29 -36.02 -15.85
CA THR B 62 23.57 -35.97 -15.17
C THR B 62 24.69 -36.49 -16.05
N SER B 63 24.44 -37.60 -16.76
CA SER B 63 25.40 -38.15 -17.70
C SER B 63 24.65 -38.61 -18.94
N GLY B 64 25.35 -38.59 -20.07
CA GLY B 64 24.75 -38.89 -21.34
C GLY B 64 23.96 -37.72 -21.88
N ASP B 65 23.67 -37.77 -23.18
CA ASP B 65 22.95 -36.70 -23.85
C ASP B 65 22.04 -37.26 -24.93
N VAL B 66 21.05 -36.46 -25.30
CA VAL B 66 20.09 -36.78 -26.35
C VAL B 66 20.43 -35.89 -27.53
N ILE B 67 20.95 -36.48 -28.61
CA ILE B 67 21.44 -35.72 -29.76
C ILE B 67 20.47 -35.89 -30.91
N PHE B 68 20.06 -34.77 -31.49
CA PHE B 68 19.12 -34.74 -32.60
C PHE B 68 19.83 -34.13 -33.80
N ASN B 69 20.17 -34.97 -34.78
CA ASN B 69 20.83 -34.54 -36.01
C ASN B 69 22.14 -33.80 -35.76
N GLY B 70 22.85 -34.16 -34.70
CA GLY B 70 24.19 -33.65 -34.47
C GLY B 70 24.31 -32.59 -33.39
N GLN B 71 23.21 -32.13 -32.80
CA GLN B 71 23.33 -31.14 -31.74
C GLN B 71 23.13 -31.77 -30.37
N PRO B 72 24.19 -31.90 -29.57
CA PRO B 72 24.00 -32.33 -28.18
C PRO B 72 23.23 -31.28 -27.39
N MET B 73 22.43 -31.74 -26.44
CA MET B 73 21.64 -30.82 -25.63
C MET B 73 22.52 -29.88 -24.83
N SER B 74 23.68 -30.36 -24.36
CA SER B 74 24.53 -29.56 -23.50
C SER B 74 25.02 -28.31 -24.19
N LYS B 75 25.52 -28.43 -25.42
CA LYS B 75 25.93 -27.24 -26.16
C LYS B 75 24.76 -26.57 -26.85
N LEU B 76 23.58 -27.18 -26.84
CA LEU B 76 22.44 -26.62 -27.55
C LEU B 76 21.78 -25.53 -26.70
N SER B 77 21.43 -24.43 -27.37
CA SER B 77 20.82 -23.30 -26.69
C SER B 77 19.35 -23.59 -26.35
N SER B 78 18.81 -22.79 -25.44
CA SER B 78 17.42 -22.95 -25.04
C SER B 78 16.46 -22.63 -26.19
N ALA B 79 16.77 -21.62 -27.00
CA ALA B 79 15.90 -21.28 -28.13
C ALA B 79 15.88 -22.42 -29.15
N ALA B 80 17.02 -23.05 -29.40
CA ALA B 80 17.05 -24.17 -30.33
C ALA B 80 16.23 -25.34 -29.80
N LYS B 81 16.29 -25.60 -28.49
CA LYS B 81 15.40 -26.60 -27.93
C LYS B 81 13.93 -26.20 -28.07
N ALA B 82 13.63 -24.90 -27.93
CA ALA B 82 12.25 -24.46 -28.11
C ALA B 82 11.76 -24.73 -29.53
N GLU B 83 12.56 -24.36 -30.53
CA GLU B 83 12.15 -24.61 -31.91
C GLU B 83 12.05 -26.11 -32.18
N LEU B 84 12.96 -26.90 -31.60
CA LEU B 84 12.90 -28.34 -31.77
C LEU B 84 11.59 -28.90 -31.24
N ARG B 85 11.23 -28.55 -30.00
CA ARG B 85 9.98 -29.02 -29.44
C ARG B 85 8.77 -28.37 -30.09
N ASN B 86 8.96 -27.31 -30.86
CA ASN B 86 7.87 -26.65 -31.56
C ASN B 86 7.58 -27.27 -32.91
N GLN B 87 8.60 -27.65 -33.68
CA GLN B 87 8.40 -28.06 -35.06
C GLN B 87 8.73 -29.52 -35.36
N LYS B 88 9.33 -30.25 -34.42
CA LYS B 88 9.70 -31.63 -34.67
C LYS B 88 9.07 -32.62 -33.68
N LEU B 89 8.89 -32.21 -32.43
CA LEU B 89 8.43 -33.11 -31.37
C LEU B 89 7.07 -32.65 -30.88
N GLY B 90 6.17 -33.60 -30.69
CA GLY B 90 4.89 -33.33 -30.06
C GLY B 90 4.66 -34.25 -28.86
N PHE B 91 4.35 -33.66 -27.71
CA PHE B 91 4.25 -34.41 -26.47
C PHE B 91 2.89 -34.22 -25.82
N ILE B 92 2.35 -35.31 -25.28
CA ILE B 92 1.10 -35.30 -24.52
C ILE B 92 1.40 -35.62 -23.06
N TYR B 93 0.94 -34.78 -22.15
CA TYR B 93 1.05 -35.14 -20.75
C TYR B 93 0.10 -36.28 -20.38
N GLN B 94 0.25 -36.71 -19.13
CA GLN B 94 -0.63 -37.68 -18.48
C GLN B 94 -2.05 -37.13 -18.39
N PHE B 95 -2.18 -35.87 -17.97
CA PHE B 95 -3.48 -35.22 -17.92
C PHE B 95 -3.78 -34.59 -19.27
N HIS B 96 -4.96 -33.97 -19.35
CA HIS B 96 -5.30 -33.16 -20.52
C HIS B 96 -4.40 -31.94 -20.62
N HIS B 97 -4.19 -31.25 -19.49
CA HIS B 97 -3.44 -29.99 -19.44
C HIS B 97 -3.91 -29.03 -20.53
N LEU B 98 -5.16 -28.62 -20.42
CA LEU B 98 -5.75 -27.62 -21.31
C LEU B 98 -5.55 -26.23 -20.70
N LEU B 99 -6.00 -25.21 -21.42
CA LEU B 99 -5.97 -23.86 -20.90
C LEU B 99 -7.40 -23.41 -20.65
N PRO B 100 -7.86 -23.37 -19.39
CA PRO B 100 -9.25 -23.00 -19.12
C PRO B 100 -9.60 -21.58 -19.52
N ASP B 101 -8.62 -20.71 -19.72
CA ASP B 101 -8.89 -19.39 -20.24
C ASP B 101 -9.08 -19.35 -21.75
N PHE B 102 -8.66 -20.40 -22.45
CA PHE B 102 -8.70 -20.42 -23.91
C PHE B 102 -9.72 -21.43 -24.40
N THR B 103 -10.49 -21.04 -25.41
CA THR B 103 -11.49 -21.93 -25.98
C THR B 103 -10.81 -22.98 -26.84
N ALA B 104 -11.60 -23.98 -27.26
CA ALA B 104 -11.04 -25.16 -27.90
C ALA B 104 -10.31 -24.81 -29.19
N LEU B 105 -10.89 -23.93 -30.00
CA LEU B 105 -10.29 -23.60 -31.29
C LEU B 105 -8.92 -22.96 -31.09
N GLU B 106 -8.85 -21.92 -30.26
CA GLU B 106 -7.56 -21.28 -30.01
C GLU B 106 -6.64 -22.18 -29.20
N ASN B 107 -7.19 -23.02 -28.32
CA ASN B 107 -6.36 -23.95 -27.58
C ASN B 107 -5.65 -24.94 -28.49
N VAL B 108 -6.31 -25.43 -29.52
CA VAL B 108 -5.67 -26.38 -30.43
C VAL B 108 -4.82 -25.65 -31.47
N ALA B 109 -5.15 -24.42 -31.81
CA ALA B 109 -4.34 -23.67 -32.76
C ALA B 109 -3.11 -23.03 -32.13
N MET B 110 -3.02 -23.02 -30.79
CA MET B 110 -1.96 -22.29 -30.10
C MET B 110 -0.57 -22.54 -30.68
N PRO B 111 -0.10 -23.77 -30.90
CA PRO B 111 1.25 -23.93 -31.47
C PRO B 111 1.38 -23.30 -32.84
N LEU B 112 0.30 -23.29 -33.63
CA LEU B 112 0.38 -22.69 -34.95
C LEU B 112 0.63 -21.20 -34.88
N LEU B 113 -0.05 -20.50 -33.97
CA LEU B 113 0.29 -19.09 -33.72
C LEU B 113 1.70 -18.97 -33.18
N ILE B 114 2.12 -19.92 -32.36
CA ILE B 114 3.52 -19.97 -31.95
C ILE B 114 4.41 -20.18 -33.16
N GLY B 115 3.90 -20.84 -34.19
CA GLY B 115 4.64 -21.05 -35.41
C GLY B 115 4.79 -19.79 -36.25
N LYS B 116 4.08 -18.72 -35.86
CA LYS B 116 4.23 -17.40 -36.48
C LYS B 116 3.89 -17.41 -37.97
N LYS B 117 2.76 -18.01 -38.32
CA LYS B 117 2.24 -17.92 -39.68
C LYS B 117 0.86 -17.26 -39.68
N LYS B 118 0.42 -16.87 -40.87
CA LYS B 118 -0.76 -16.02 -40.98
C LYS B 118 -2.03 -16.81 -40.64
N PRO B 119 -3.09 -16.12 -40.19
CA PRO B 119 -4.23 -16.85 -39.62
C PRO B 119 -4.95 -17.80 -40.57
N ALA B 120 -4.97 -17.53 -41.88
CA ALA B 120 -5.84 -18.30 -42.76
C ALA B 120 -5.52 -19.79 -42.71
N GLU B 121 -4.25 -20.15 -42.92
CA GLU B 121 -3.89 -21.55 -42.99
C GLU B 121 -3.96 -22.21 -41.62
N ILE B 122 -3.67 -21.48 -40.55
CA ILE B 122 -3.72 -22.09 -39.22
C ILE B 122 -5.15 -22.39 -38.83
N ASN B 123 -6.08 -21.47 -39.15
CA ASN B 123 -7.49 -21.75 -38.91
C ASN B 123 -7.98 -22.91 -39.77
N SER B 124 -7.53 -22.97 -41.02
CA SER B 124 -7.91 -24.10 -41.88
C SER B 124 -7.42 -25.42 -41.29
N ARG B 125 -6.17 -25.42 -40.81
CA ARG B 125 -5.62 -26.62 -40.20
C ARG B 125 -6.39 -27.01 -38.95
N ALA B 126 -6.77 -26.01 -38.14
CA ALA B 126 -7.55 -26.30 -36.94
C ALA B 126 -8.90 -26.90 -37.30
N LEU B 127 -9.55 -26.37 -38.33
CA LEU B 127 -10.83 -26.93 -38.76
C LEU B 127 -10.68 -28.35 -39.26
N GLU B 128 -9.62 -28.64 -40.02
CA GLU B 128 -9.47 -30.00 -40.53
C GLU B 128 -9.11 -30.96 -39.40
N MET B 129 -8.35 -30.48 -38.41
CA MET B 129 -8.12 -31.29 -37.20
C MET B 129 -9.43 -31.57 -36.49
N LEU B 130 -10.32 -30.58 -36.41
CA LEU B 130 -11.61 -30.79 -35.80
C LEU B 130 -12.42 -31.82 -36.57
N LYS B 131 -12.32 -31.78 -37.90
CA LYS B 131 -12.95 -32.80 -38.74
C LYS B 131 -12.42 -34.18 -38.41
N ALA B 132 -11.09 -34.32 -38.29
CA ALA B 132 -10.50 -35.61 -37.99
C ALA B 132 -10.89 -36.10 -36.59
N VAL B 133 -10.93 -35.19 -35.63
CA VAL B 133 -11.40 -35.52 -34.28
C VAL B 133 -12.88 -35.84 -34.27
N GLY B 134 -13.66 -35.11 -35.07
CA GLY B 134 -15.07 -35.36 -35.21
C GLY B 134 -15.99 -34.50 -34.37
N LEU B 135 -15.49 -33.40 -33.81
CA LEU B 135 -16.29 -32.54 -32.94
C LEU B 135 -16.68 -31.23 -33.61
N ASP B 136 -17.14 -31.31 -34.86
CA ASP B 136 -17.55 -30.11 -35.58
C ASP B 136 -18.58 -29.32 -34.79
N HIS B 137 -19.47 -30.00 -34.08
CA HIS B 137 -20.47 -29.32 -33.28
C HIS B 137 -19.85 -28.52 -32.14
N ARG B 138 -18.91 -29.11 -31.41
CA ARG B 138 -18.28 -28.47 -30.26
C ARG B 138 -16.94 -27.90 -30.71
N ALA B 139 -16.96 -26.69 -31.28
CA ALA B 139 -15.73 -26.06 -31.70
C ALA B 139 -15.32 -24.94 -30.75
N ASN B 140 -16.29 -24.15 -30.28
CA ASN B 140 -15.99 -22.96 -29.52
C ASN B 140 -16.53 -23.00 -28.09
N HIS B 141 -17.17 -24.09 -27.67
CA HIS B 141 -17.67 -24.15 -26.31
C HIS B 141 -16.51 -24.29 -25.31
N ARG B 142 -16.84 -24.03 -24.06
CA ARG B 142 -15.93 -23.86 -22.94
C ARG B 142 -15.38 -25.21 -22.52
N PRO B 143 -14.05 -25.36 -22.38
CA PRO B 143 -13.53 -26.62 -21.83
C PRO B 143 -14.04 -26.92 -20.43
N SER B 144 -14.43 -25.90 -19.65
CA SER B 144 -15.01 -26.17 -18.34
C SER B 144 -16.31 -26.96 -18.45
N GLU B 145 -17.11 -26.67 -19.49
CA GLU B 145 -18.36 -27.40 -19.72
C GLU B 145 -18.17 -28.64 -20.58
N LEU B 146 -16.98 -29.24 -20.54
CA LEU B 146 -16.64 -30.42 -21.31
C LEU B 146 -16.35 -31.61 -20.40
N SER B 147 -16.51 -32.81 -20.96
CA SER B 147 -16.16 -34.05 -20.30
C SER B 147 -14.66 -34.33 -20.46
N GLY B 148 -14.22 -35.45 -19.91
CA GLY B 148 -12.80 -35.77 -19.85
C GLY B 148 -12.21 -36.28 -21.14
N GLY B 149 -12.79 -37.36 -21.69
CA GLY B 149 -12.22 -37.97 -22.87
C GLY B 149 -12.10 -37.01 -24.04
N GLU B 150 -13.11 -36.16 -24.23
CA GLU B 150 -13.03 -35.18 -25.30
C GLU B 150 -11.87 -34.22 -25.09
N ARG B 151 -11.68 -33.74 -23.87
CA ARG B 151 -10.62 -32.76 -23.65
C ARG B 151 -9.25 -33.41 -23.78
N GLN B 152 -9.11 -34.67 -23.38
CA GLN B 152 -7.83 -35.36 -23.58
C GLN B 152 -7.56 -35.61 -25.06
N ARG B 153 -8.58 -35.97 -25.84
CA ARG B 153 -8.36 -36.17 -27.27
C ARG B 153 -8.08 -34.84 -27.97
N VAL B 154 -8.66 -33.75 -27.48
CA VAL B 154 -8.30 -32.42 -28.00
C VAL B 154 -6.85 -32.11 -27.69
N ALA B 155 -6.38 -32.48 -26.50
CA ALA B 155 -4.97 -32.32 -26.18
C ALA B 155 -4.09 -33.10 -27.16
N ILE B 156 -4.51 -34.33 -27.47
CA ILE B 156 -3.77 -35.15 -28.43
C ILE B 156 -3.73 -34.44 -29.79
N ALA B 157 -4.89 -33.96 -30.23
CA ALA B 157 -4.95 -33.22 -31.49
C ALA B 157 -3.97 -32.05 -31.48
N ARG B 158 -3.99 -31.26 -30.41
CA ARG B 158 -3.02 -30.17 -30.27
C ARG B 158 -1.61 -30.68 -30.46
N ALA B 159 -1.28 -31.79 -29.81
CA ALA B 159 0.05 -32.35 -29.93
C ALA B 159 0.38 -32.78 -31.36
N LEU B 160 -0.62 -33.06 -32.18
CA LEU B 160 -0.36 -33.54 -33.54
C LEU B 160 -0.68 -32.54 -34.64
N VAL B 161 -1.05 -31.29 -34.31
CA VAL B 161 -1.46 -30.36 -35.35
C VAL B 161 -0.30 -30.06 -36.30
N ASN B 162 0.83 -29.64 -35.77
CA ASN B 162 1.93 -29.18 -36.61
C ASN B 162 2.78 -30.32 -37.17
N ASN B 163 2.24 -31.54 -37.18
CA ASN B 163 2.90 -32.71 -37.76
C ASN B 163 4.27 -33.01 -37.16
N PRO B 164 4.33 -33.39 -35.88
CA PRO B 164 5.60 -33.84 -35.32
C PRO B 164 6.13 -35.04 -36.09
N ARG B 165 7.46 -35.12 -36.19
CA ARG B 165 8.07 -36.38 -36.58
C ARG B 165 7.96 -37.41 -35.47
N LEU B 166 8.11 -36.96 -34.22
CA LEU B 166 8.04 -37.81 -33.04
C LEU B 166 6.85 -37.37 -32.18
N VAL B 167 5.89 -38.27 -32.00
CA VAL B 167 4.71 -38.01 -31.18
C VAL B 167 4.87 -38.82 -29.90
N LEU B 168 5.21 -38.15 -28.81
CA LEU B 168 5.46 -38.80 -27.53
C LEU B 168 4.21 -38.74 -26.67
N ALA B 169 3.77 -39.89 -26.16
CA ALA B 169 2.52 -40.01 -25.42
C ALA B 169 2.75 -40.85 -24.17
N ASP B 170 2.57 -40.25 -22.99
CA ASP B 170 2.71 -40.97 -21.73
C ASP B 170 1.31 -41.31 -21.20
N GLU B 171 0.87 -42.54 -21.45
CA GLU B 171 -0.46 -43.01 -21.14
C GLU B 171 -1.54 -42.00 -21.56
N PRO B 172 -1.86 -41.94 -22.85
CA PRO B 172 -2.75 -40.88 -23.34
C PRO B 172 -4.24 -41.16 -23.18
N THR B 173 -4.62 -42.38 -22.80
CA THR B 173 -6.02 -42.77 -22.83
C THR B 173 -6.54 -43.20 -21.45
N GLY B 174 -6.08 -42.55 -20.37
CA GLY B 174 -6.52 -42.95 -19.04
C GLY B 174 -8.02 -42.79 -18.85
N ASN B 175 -8.57 -41.65 -19.26
CA ASN B 175 -9.98 -41.37 -19.11
C ASN B 175 -10.79 -41.69 -20.37
N LEU B 176 -10.17 -42.27 -21.38
CA LEU B 176 -10.81 -42.47 -22.68
C LEU B 176 -11.19 -43.93 -22.85
N ASP B 177 -12.43 -44.17 -23.27
CA ASP B 177 -13.01 -45.51 -23.34
C ASP B 177 -12.56 -46.23 -24.61
N ALA B 178 -13.13 -47.41 -24.86
CA ALA B 178 -12.63 -48.27 -25.94
C ALA B 178 -13.23 -47.96 -27.30
N ARG B 179 -14.54 -47.68 -27.35
CA ARG B 179 -15.18 -47.46 -28.65
C ARG B 179 -14.75 -46.14 -29.26
N ASN B 180 -14.15 -45.26 -28.45
CA ASN B 180 -13.44 -44.12 -29.00
C ASN B 180 -11.96 -44.42 -29.23
N ALA B 181 -11.41 -45.35 -28.43
CA ALA B 181 -10.00 -45.71 -28.57
C ALA B 181 -9.73 -46.33 -29.94
N ASP B 182 -10.63 -47.20 -30.41
CA ASP B 182 -10.41 -47.82 -31.72
C ASP B 182 -10.36 -46.76 -32.81
N SER B 183 -11.28 -45.79 -32.77
CA SER B 183 -11.28 -44.72 -33.77
C SER B 183 -10.03 -43.84 -33.68
N ILE B 184 -9.61 -43.47 -32.47
CA ILE B 184 -8.45 -42.59 -32.38
C ILE B 184 -7.20 -43.33 -32.82
N PHE B 185 -7.06 -44.61 -32.47
CA PHE B 185 -5.89 -45.36 -32.93
C PHE B 185 -5.95 -45.60 -34.43
N GLN B 186 -7.15 -45.70 -35.01
CA GLN B 186 -7.25 -45.69 -36.46
C GLN B 186 -6.74 -44.38 -37.04
N LEU B 187 -7.06 -43.26 -36.40
CA LEU B 187 -6.54 -41.97 -36.85
C LEU B 187 -5.01 -41.93 -36.77
N LEU B 188 -4.46 -42.45 -35.66
CA LEU B 188 -3.01 -42.53 -35.54
C LEU B 188 -2.40 -43.41 -36.62
N GLY B 189 -3.04 -44.54 -36.94
CA GLY B 189 -2.56 -45.37 -38.03
C GLY B 189 -2.63 -44.67 -39.37
N GLU B 190 -3.65 -43.84 -39.58
CA GLU B 190 -3.75 -43.06 -40.80
C GLU B 190 -2.60 -42.08 -40.92
N LEU B 191 -2.32 -41.35 -39.84
CA LEU B 191 -1.17 -40.45 -39.85
C LEU B 191 0.13 -41.21 -40.04
N ASN B 192 0.21 -42.42 -39.48
CA ASN B 192 1.37 -43.28 -39.67
C ASN B 192 1.57 -43.69 -41.12
N ARG B 193 0.49 -44.06 -41.82
CA ARG B 193 0.66 -44.52 -43.18
C ARG B 193 0.88 -43.37 -44.15
N LEU B 194 0.33 -42.19 -43.86
CA LEU B 194 0.52 -41.04 -44.74
C LEU B 194 1.70 -40.16 -44.33
N GLN B 195 1.63 -39.54 -43.14
CA GLN B 195 2.74 -38.69 -42.71
C GLN B 195 3.94 -39.51 -42.22
N GLY B 196 3.69 -40.66 -41.61
CA GLY B 196 4.78 -41.49 -41.14
C GLY B 196 5.38 -41.10 -39.81
N THR B 197 4.72 -40.23 -39.05
CA THR B 197 5.24 -39.81 -37.75
C THR B 197 5.30 -40.99 -36.79
N ALA B 198 6.32 -40.98 -35.93
CA ALA B 198 6.54 -42.07 -34.98
C ALA B 198 5.84 -41.76 -33.66
N PHE B 199 5.08 -42.74 -33.18
CA PHE B 199 4.35 -42.63 -31.92
C PHE B 199 5.05 -43.47 -30.86
N LEU B 200 5.29 -42.88 -29.69
CA LEU B 200 5.86 -43.57 -28.55
C LEU B 200 4.80 -43.59 -27.46
N VAL B 201 4.02 -44.66 -27.43
CA VAL B 201 2.83 -44.75 -26.58
C VAL B 201 3.20 -45.54 -25.33
N VAL B 202 2.99 -44.94 -24.18
CA VAL B 202 3.08 -45.64 -22.90
C VAL B 202 1.69 -46.10 -22.51
N THR B 203 1.57 -47.35 -22.07
CA THR B 203 0.25 -47.83 -21.65
C THR B 203 0.43 -48.91 -20.60
N HIS B 204 -0.66 -49.20 -19.90
CA HIS B 204 -0.67 -50.23 -18.87
C HIS B 204 -1.23 -51.57 -19.37
N ASP B 205 -2.28 -51.54 -20.18
CA ASP B 205 -2.82 -52.78 -20.72
C ASP B 205 -1.94 -53.33 -21.85
N LEU B 206 -1.62 -54.62 -21.76
CA LEU B 206 -0.73 -55.22 -22.75
C LEU B 206 -1.44 -55.41 -24.08
N GLN B 207 -2.78 -55.41 -24.09
CA GLN B 207 -3.52 -55.64 -25.31
C GLN B 207 -3.18 -54.59 -26.36
N LEU B 208 -3.25 -53.31 -25.98
CA LEU B 208 -2.94 -52.26 -26.93
C LEU B 208 -1.44 -52.15 -27.19
N ALA B 209 -0.61 -52.42 -26.18
CA ALA B 209 0.83 -52.33 -26.34
C ALA B 209 1.39 -53.37 -27.29
N LYS B 210 0.79 -54.57 -27.32
CA LYS B 210 1.30 -55.63 -28.18
C LYS B 210 1.05 -55.34 -29.65
N ARG B 211 0.01 -54.58 -29.96
CA ARG B 211 -0.36 -54.26 -31.33
C ARG B 211 0.54 -53.16 -31.94
N MET B 212 1.46 -52.64 -31.12
CA MET B 212 2.54 -51.79 -31.59
C MET B 212 3.61 -52.66 -32.25
N SER B 213 4.27 -52.11 -33.28
CA SER B 213 5.22 -52.89 -34.06
C SER B 213 6.43 -53.31 -33.22
N ARG B 214 7.03 -52.37 -32.52
CA ARG B 214 8.23 -52.62 -31.72
C ARG B 214 7.93 -52.28 -30.27
N GLN B 215 8.37 -53.12 -29.34
CA GLN B 215 8.15 -52.85 -27.92
C GLN B 215 9.40 -53.19 -27.11
N LEU B 216 9.80 -52.21 -26.30
CA LEU B 216 10.72 -52.37 -25.19
C LEU B 216 9.92 -52.49 -23.90
N GLU B 217 10.49 -53.20 -22.92
CA GLU B 217 9.89 -53.33 -21.60
C GLU B 217 10.92 -52.92 -20.56
N MET B 218 10.58 -51.93 -19.74
CA MET B 218 11.45 -51.41 -18.69
C MET B 218 10.80 -51.69 -17.34
N ARG B 219 11.37 -52.63 -16.60
CA ARG B 219 10.92 -52.96 -15.26
C ARG B 219 12.02 -52.59 -14.27
N ASP B 220 11.65 -51.83 -13.23
CA ASP B 220 12.59 -51.36 -12.22
C ASP B 220 13.73 -50.55 -12.85
N GLY B 221 13.41 -49.74 -13.86
CA GLY B 221 14.37 -48.83 -14.43
C GLY B 221 15.35 -49.40 -15.43
N ARG B 222 15.21 -50.68 -15.79
CA ARG B 222 16.09 -51.32 -16.75
C ARG B 222 15.28 -51.99 -17.85
N LEU B 223 15.75 -51.85 -19.08
CA LEU B 223 15.07 -52.39 -20.27
C LEU B 223 15.34 -53.89 -20.35
N THR B 224 14.30 -54.69 -20.14
CA THR B 224 14.44 -56.14 -20.19
C THR B 224 14.14 -56.69 -21.59
N ALA B 225 12.93 -56.46 -22.08
CA ALA B 225 12.48 -57.05 -23.34
C ALA B 225 12.65 -56.06 -24.49
N GLU B 226 13.09 -56.59 -25.64
CA GLU B 226 13.28 -55.82 -26.89
C GLU B 226 12.79 -56.68 -28.05
N LEU B 227 11.50 -56.57 -28.40
CA LEU B 227 10.96 -57.41 -29.47
C LEU B 227 10.35 -56.52 -30.55
N SER B 228 10.75 -56.76 -31.79
CA SER B 228 10.27 -56.01 -32.94
C SER B 228 9.70 -57.00 -33.95
N LEU B 229 8.56 -56.68 -34.54
CA LEU B 229 7.96 -57.57 -35.52
C LEU B 229 8.89 -57.77 -36.71
N MET B 230 9.44 -56.68 -37.23
CA MET B 230 10.36 -56.75 -38.37
C MET B 230 11.18 -55.47 -38.45
N PRO C 4 -9.02 -23.58 26.14
CA PRO C 4 -9.04 -22.27 25.50
C PRO C 4 -10.16 -22.12 24.47
N LEU C 5 -9.83 -21.65 23.27
CA LEU C 5 -10.82 -21.40 22.25
C LEU C 5 -10.66 -22.42 21.12
N SER C 6 -11.78 -22.80 20.51
CA SER C 6 -11.80 -23.82 19.47
C SER C 6 -11.23 -23.32 18.15
N LEU C 7 -10.88 -22.04 18.09
CA LEU C 7 -10.36 -21.44 16.87
C LEU C 7 -8.84 -21.61 16.74
N LEU C 8 -8.22 -22.35 17.66
CA LEU C 8 -6.80 -22.64 17.54
C LEU C 8 -6.46 -23.32 16.23
N ILE C 9 -7.43 -24.02 15.62
CA ILE C 9 -7.25 -24.58 14.30
C ILE C 9 -6.64 -23.57 13.34
N GLY C 10 -7.08 -22.32 13.40
CA GLY C 10 -6.57 -21.31 12.49
C GLY C 10 -5.07 -21.14 12.62
N LEU C 11 -4.58 -21.10 13.86
CA LEU C 11 -3.14 -20.98 14.08
C LEU C 11 -2.39 -22.11 13.41
N ARG C 12 -2.97 -23.31 13.43
CA ARG C 12 -2.34 -24.44 12.74
C ARG C 12 -2.27 -24.19 11.24
N PHE C 13 -3.32 -23.62 10.65
CA PHE C 13 -3.23 -23.18 9.28
C PHE C 13 -2.19 -22.07 9.14
N SER C 14 -2.06 -21.22 10.16
CA SER C 14 -0.98 -20.25 10.17
C SER C 14 0.38 -20.93 10.28
N ARG C 15 0.46 -22.04 11.00
CA ARG C 15 1.66 -22.86 11.06
C ARG C 15 1.71 -23.88 9.93
N GLY C 16 0.64 -24.00 9.15
CA GLY C 16 0.63 -24.92 8.03
C GLY C 16 1.18 -24.29 6.78
N ARG C 17 2.47 -23.97 6.80
CA ARG C 17 3.15 -23.35 5.68
C ARG C 17 4.01 -24.39 4.99
N ARG C 18 3.72 -24.66 3.72
CA ARG C 18 4.42 -25.67 2.93
C ARG C 18 4.97 -25.01 1.68
N ARG C 19 5.76 -25.78 0.93
CA ARG C 19 6.42 -25.32 -0.30
C ARG C 19 7.25 -24.05 -0.02
N GLY C 20 8.08 -24.15 1.01
CA GLY C 20 8.91 -23.04 1.46
C GLY C 20 9.72 -22.40 0.36
N GLY C 21 9.63 -21.08 0.25
CA GLY C 21 10.27 -20.37 -0.84
C GLY C 21 9.27 -19.86 -1.85
N MET C 22 9.25 -18.54 -2.06
CA MET C 22 8.36 -17.84 -2.99
C MET C 22 6.93 -17.90 -2.47
N VAL C 23 6.70 -18.62 -1.37
CA VAL C 23 5.45 -18.51 -0.63
C VAL C 23 5.64 -17.81 0.71
N SER C 24 6.83 -17.87 1.31
CA SER C 24 7.14 -17.04 2.46
C SER C 24 7.51 -15.62 2.07
N LEU C 25 7.89 -15.41 0.80
CA LEU C 25 8.18 -14.07 0.32
C LEU C 25 6.94 -13.19 0.38
N ILE C 26 5.78 -13.72 0.00
CA ILE C 26 4.56 -12.91 0.06
C ILE C 26 4.23 -12.56 1.52
N SER C 27 4.51 -13.46 2.45
CA SER C 27 4.27 -13.17 3.86
C SER C 27 5.13 -12.02 4.34
N VAL C 28 6.43 -12.05 4.01
CA VAL C 28 7.31 -10.97 4.46
C VAL C 28 6.97 -9.67 3.73
N ILE C 29 6.47 -9.75 2.50
CA ILE C 29 6.02 -8.55 1.80
C ILE C 29 4.85 -7.93 2.53
N SER C 30 3.86 -8.74 2.90
CA SER C 30 2.71 -8.21 3.64
C SER C 30 3.16 -7.60 4.96
N THR C 31 4.06 -8.28 5.66
CA THR C 31 4.56 -7.78 6.93
C THR C 31 5.29 -6.46 6.74
N ILE C 32 6.10 -6.34 5.69
CA ILE C 32 6.81 -5.11 5.42
C ILE C 32 5.84 -3.97 5.15
N GLY C 33 4.80 -4.23 4.37
CA GLY C 33 3.82 -3.18 4.10
C GLY C 33 3.14 -2.69 5.37
N ILE C 34 2.65 -3.63 6.18
CA ILE C 34 1.99 -3.25 7.43
C ILE C 34 2.95 -2.46 8.31
N ALA C 35 4.17 -2.97 8.47
CA ALA C 35 5.14 -2.33 9.34
C ALA C 35 5.48 -0.93 8.87
N LEU C 36 5.71 -0.76 7.57
CA LEU C 36 6.02 0.56 7.03
C LEU C 36 4.90 1.54 7.33
N GLY C 37 3.66 1.16 7.02
CA GLY C 37 2.55 2.06 7.25
C GLY C 37 2.41 2.44 8.72
N VAL C 38 2.41 1.44 9.60
CA VAL C 38 2.17 1.71 11.01
C VAL C 38 3.32 2.51 11.61
N ALA C 39 4.56 2.15 11.28
CA ALA C 39 5.71 2.84 11.84
C ALA C 39 5.74 4.31 11.41
N VAL C 40 5.51 4.57 10.13
CA VAL C 40 5.52 5.98 9.71
C VAL C 40 4.36 6.74 10.32
N LEU C 41 3.21 6.09 10.50
CA LEU C 41 2.10 6.75 11.18
C LEU C 41 2.51 7.15 12.59
N ILE C 42 3.14 6.23 13.31
CA ILE C 42 3.51 6.50 14.70
C ILE C 42 4.56 7.60 14.76
N VAL C 43 5.52 7.60 13.85
CA VAL C 43 6.52 8.66 13.81
C VAL C 43 5.83 10.00 13.61
N GLY C 44 4.89 10.08 12.66
CA GLY C 44 4.21 11.33 12.41
C GLY C 44 3.41 11.82 13.62
N LEU C 45 2.65 10.92 14.25
CA LEU C 45 1.84 11.32 15.39
C LEU C 45 2.72 11.77 16.55
N SER C 46 3.80 11.05 16.84
CA SER C 46 4.68 11.46 17.92
C SER C 46 5.36 12.78 17.60
N ALA C 47 5.73 13.01 16.34
CA ALA C 47 6.35 14.28 15.98
C ALA C 47 5.36 15.44 16.15
N MET C 48 4.10 15.25 15.76
CA MET C 48 3.12 16.30 15.98
C MET C 48 2.87 16.55 17.46
N ASN C 49 2.81 15.49 18.27
CA ASN C 49 2.63 15.70 19.70
C ASN C 49 3.82 16.44 20.30
N GLY C 50 5.03 16.13 19.84
CA GLY C 50 6.19 16.88 20.30
C GLY C 50 6.14 18.34 19.88
N PHE C 51 5.67 18.61 18.66
CA PHE C 51 5.48 19.99 18.24
C PHE C 51 4.47 20.70 19.13
N GLU C 52 3.39 20.01 19.50
CA GLU C 52 2.39 20.59 20.39
C GLU C 52 3.02 20.92 21.74
N ARG C 53 3.81 20.00 22.27
CA ARG C 53 4.48 20.22 23.55
C ARG C 53 5.42 21.41 23.48
N GLU C 54 6.19 21.51 22.40
CA GLU C 54 7.16 22.61 22.31
C GLU C 54 6.47 23.94 22.08
N LEU C 55 5.36 23.97 21.33
CA LEU C 55 4.59 25.20 21.26
C LEU C 55 4.00 25.56 22.60
N ASN C 56 3.62 24.55 23.38
CA ASN C 56 3.07 24.80 24.71
C ASN C 56 4.11 25.42 25.63
N ASN C 57 5.35 24.92 25.59
CA ASN C 57 6.36 25.38 26.54
C ASN C 57 7.11 26.61 26.04
N ARG C 58 7.67 26.53 24.83
CA ARG C 58 8.57 27.58 24.35
C ARG C 58 7.86 28.91 24.10
N ILE C 59 6.65 28.89 23.55
CA ILE C 59 6.06 30.13 23.06
C ILE C 59 4.91 30.63 23.93
N LEU C 60 3.85 29.86 24.07
CA LEU C 60 2.69 30.40 24.77
C LEU C 60 2.95 30.59 26.27
N ALA C 61 4.16 30.31 26.75
CA ALA C 61 4.54 30.59 28.12
C ALA C 61 5.44 31.81 28.24
N VAL C 62 5.64 32.55 27.17
CA VAL C 62 6.47 33.75 27.22
C VAL C 62 5.71 34.95 26.63
N VAL C 63 4.71 34.67 25.81
CA VAL C 63 3.91 35.74 25.21
C VAL C 63 2.79 36.13 26.16
N PRO C 64 2.31 37.37 26.13
CA PRO C 64 1.15 37.74 26.95
C PRO C 64 -0.13 37.16 26.37
N HIS C 65 -0.81 36.33 27.16
CA HIS C 65 -2.00 35.64 26.67
C HIS C 65 -3.15 36.60 26.38
N GLY C 66 -3.10 37.81 26.93
CA GLY C 66 -4.13 38.78 26.62
C GLY C 66 -3.57 40.18 26.72
N GLU C 67 -4.13 41.06 25.92
CA GLU C 67 -3.67 42.43 25.82
C GLU C 67 -4.86 43.36 25.87
N ILE C 68 -4.75 44.41 26.68
CA ILE C 68 -5.74 45.48 26.64
C ILE C 68 -4.98 46.80 26.55
N GLU C 69 -5.32 47.61 25.54
CA GLU C 69 -4.61 48.85 25.28
C GLU C 69 -5.60 50.01 25.28
N ALA C 70 -5.18 51.13 25.88
CA ALA C 70 -6.01 52.33 25.88
C ALA C 70 -5.87 53.04 24.55
N VAL C 71 -7.00 53.40 23.95
CA VAL C 71 -6.97 53.96 22.60
C VAL C 71 -6.62 55.44 22.64
N ASP C 72 -7.02 56.16 23.69
CA ASP C 72 -6.86 57.61 23.70
C ASP C 72 -5.58 58.04 24.40
N GLN C 73 -5.45 57.70 25.67
CA GLN C 73 -4.36 58.21 26.50
C GLN C 73 -3.88 57.08 27.40
N PRO C 74 -2.62 57.09 27.81
CA PRO C 74 -2.18 56.17 28.87
C PRO C 74 -3.04 56.36 30.12
N TRP C 75 -3.38 55.23 30.75
CA TRP C 75 -4.33 55.21 31.86
C TRP C 75 -3.94 56.10 33.02
N THR C 76 -4.88 56.94 33.48
CA THR C 76 -4.74 57.57 34.78
C THR C 76 -5.06 56.57 35.89
N ASN C 77 -5.88 55.57 35.59
CA ASN C 77 -6.33 54.60 36.58
C ASN C 77 -5.97 53.17 36.19
N TRP C 78 -4.74 52.97 35.71
CA TRP C 78 -4.32 51.63 35.33
C TRP C 78 -4.37 50.67 36.52
N GLN C 79 -3.92 51.13 37.68
CA GLN C 79 -3.98 50.31 38.88
C GLN C 79 -5.43 49.96 39.23
N GLU C 80 -6.34 50.91 39.06
CA GLU C 80 -7.74 50.63 39.36
C GLU C 80 -8.29 49.57 38.41
N ALA C 81 -8.00 49.69 37.12
CA ALA C 81 -8.48 48.69 36.18
C ALA C 81 -7.90 47.31 36.49
N LEU C 82 -6.60 47.25 36.77
CA LEU C 82 -5.99 45.94 37.01
C LEU C 82 -6.49 45.31 38.30
N ASP C 83 -6.67 46.11 39.37
CA ASP C 83 -7.11 45.47 40.60
C ASP C 83 -8.62 45.24 40.63
N HIS C 84 -9.37 45.83 39.67
CA HIS C 84 -10.68 45.24 39.40
C HIS C 84 -10.57 43.92 38.64
N VAL C 85 -9.64 43.82 37.69
CA VAL C 85 -9.68 42.69 36.77
C VAL C 85 -9.03 41.43 37.34
N GLN C 86 -8.16 41.55 38.35
CA GLN C 86 -7.51 40.35 38.87
C GLN C 86 -8.46 39.41 39.59
N LYS C 87 -9.60 39.89 40.07
CA LYS C 87 -10.59 39.03 40.70
C LYS C 87 -11.63 38.51 39.73
N VAL C 88 -11.50 38.82 38.44
CA VAL C 88 -12.40 38.23 37.46
C VAL C 88 -12.14 36.73 37.38
N PRO C 89 -13.18 35.89 37.39
CA PRO C 89 -12.95 34.43 37.32
C PRO C 89 -12.33 34.03 35.99
N GLY C 90 -11.60 32.92 36.03
CA GLY C 90 -10.94 32.42 34.85
C GLY C 90 -9.70 33.20 34.45
N ILE C 91 -9.13 33.97 35.36
CA ILE C 91 -7.93 34.75 35.11
C ILE C 91 -6.88 34.34 36.13
N ALA C 92 -5.67 34.04 35.65
CA ALA C 92 -4.59 33.67 36.54
C ALA C 92 -3.77 34.86 37.02
N ALA C 93 -3.54 35.86 36.18
CA ALA C 93 -2.78 37.02 36.63
C ALA C 93 -2.94 38.18 35.64
N ALA C 94 -2.54 39.35 36.09
CA ALA C 94 -2.53 40.55 35.26
C ALA C 94 -1.34 41.40 35.67
N ALA C 95 -0.90 42.25 34.76
CA ALA C 95 0.23 43.14 35.03
C ALA C 95 0.19 44.30 34.05
N PRO C 96 0.85 45.40 34.36
CA PRO C 96 0.96 46.50 33.38
C PRO C 96 2.22 46.41 32.55
N TYR C 97 2.27 47.12 31.43
CA TYR C 97 3.49 47.18 30.63
C TYR C 97 3.41 48.41 29.74
N ILE C 98 4.57 48.90 29.34
CA ILE C 98 4.65 50.06 28.45
C ILE C 98 5.40 49.63 27.18
N ASN C 99 4.90 50.08 26.03
CA ASN C 99 5.38 49.60 24.74
C ASN C 99 6.08 50.74 24.00
N PHE C 100 7.40 50.65 23.90
CA PHE C 100 8.19 51.57 23.10
C PHE C 100 8.50 50.96 21.74
N THR C 101 9.02 51.80 20.84
CA THR C 101 9.71 51.33 19.65
C THR C 101 10.80 52.34 19.31
N GLY C 102 11.99 51.83 19.04
CA GLY C 102 13.12 52.74 18.88
C GLY C 102 14.28 52.09 18.17
N LEU C 103 15.33 52.88 17.99
CA LEU C 103 16.51 52.52 17.22
C LEU C 103 17.60 52.11 18.20
N VAL C 104 18.00 50.85 18.15
CA VAL C 104 19.17 50.39 18.88
C VAL C 104 20.38 50.42 17.95
N GLU C 105 21.44 51.09 18.39
CA GLU C 105 22.61 51.27 17.54
C GLU C 105 23.86 50.91 18.33
N SER C 106 24.73 50.15 17.68
CA SER C 106 25.98 49.69 18.27
C SER C 106 26.89 49.19 17.16
N GLY C 107 28.16 49.55 17.24
CA GLY C 107 29.13 49.10 16.24
C GLY C 107 28.77 49.51 14.83
N ALA C 108 28.26 50.72 14.65
CA ALA C 108 27.78 51.27 13.39
C ALA C 108 26.60 50.49 12.81
N ASN C 109 26.08 49.49 13.53
CA ASN C 109 24.91 48.76 13.08
C ASN C 109 23.67 49.30 13.79
N LEU C 110 22.61 49.51 13.02
CA LEU C 110 21.37 50.10 13.53
C LEU C 110 20.21 49.16 13.24
N ARG C 111 19.33 49.00 14.23
CA ARG C 111 18.12 48.20 14.06
C ARG C 111 16.96 48.88 14.76
N ALA C 112 15.80 48.89 14.10
CA ALA C 112 14.59 49.45 14.67
C ALA C 112 13.78 48.29 15.26
N ILE C 113 13.52 48.35 16.56
CA ILE C 113 12.89 47.25 17.27
C ILE C 113 11.92 47.82 18.30
N GLN C 114 10.94 46.99 18.67
CA GLN C 114 10.00 47.36 19.72
C GLN C 114 10.55 46.93 21.07
N VAL C 115 10.20 47.69 22.10
CA VAL C 115 10.77 47.54 23.44
C VAL C 115 9.62 47.39 24.42
N LYS C 116 9.78 46.50 25.40
CA LYS C 116 8.76 46.22 26.40
C LYS C 116 9.29 46.57 27.78
N GLY C 117 8.55 47.39 28.51
CA GLY C 117 8.89 47.76 29.88
C GLY C 117 7.89 47.16 30.85
N VAL C 118 8.41 46.32 31.75
CA VAL C 118 7.60 45.54 32.66
C VAL C 118 8.22 45.60 34.05
N ASN C 119 7.41 45.27 35.06
CA ASN C 119 7.88 45.23 36.44
C ASN C 119 8.34 43.81 36.78
N PRO C 120 9.60 43.60 37.16
CA PRO C 120 10.10 42.22 37.27
C PRO C 120 9.31 41.30 38.18
N GLN C 121 9.02 41.73 39.41
CA GLN C 121 8.35 40.83 40.35
C GLN C 121 6.97 40.42 39.86
N GLN C 122 6.31 41.28 39.07
CA GLN C 122 5.01 40.90 38.53
C GLN C 122 5.15 40.03 37.28
N GLU C 123 6.12 40.31 36.40
CA GLU C 123 6.25 39.51 35.20
C GLU C 123 6.72 38.10 35.52
N GLN C 124 7.41 37.92 36.65
CA GLN C 124 7.72 36.58 37.11
C GLN C 124 6.45 35.75 37.25
N ARG C 125 5.39 36.35 37.81
CA ARG C 125 4.11 35.67 37.90
C ARG C 125 3.43 35.60 36.53
N LEU C 126 3.57 36.65 35.73
CA LEU C 126 2.87 36.75 34.46
C LEU C 126 3.37 35.77 33.41
N SER C 127 4.60 35.29 33.53
CA SER C 127 5.15 34.45 32.47
C SER C 127 6.38 33.72 32.98
N ALA C 128 6.79 32.71 32.22
CA ALA C 128 8.02 31.97 32.49
C ALA C 128 9.19 32.50 31.67
N LEU C 129 9.08 33.72 31.14
CA LEU C 129 10.12 34.26 30.29
C LEU C 129 11.49 34.33 30.95
N PRO C 130 11.65 34.86 32.17
CA PRO C 130 12.99 34.92 32.76
C PRO C 130 13.62 33.56 32.96
N SER C 131 12.81 32.50 33.07
CA SER C 131 13.37 31.15 33.18
C SER C 131 14.05 30.68 31.90
N PHE C 132 13.71 31.27 30.75
CA PHE C 132 14.31 30.86 29.48
C PHE C 132 15.57 31.64 29.15
N VAL C 133 15.96 32.61 29.97
CA VAL C 133 17.23 33.29 29.75
C VAL C 133 18.36 32.30 29.97
N GLN C 134 19.35 32.33 29.08
CA GLN C 134 20.46 31.39 29.17
C GLN C 134 21.18 31.53 30.50
N GLY C 135 21.76 32.69 30.75
CA GLY C 135 22.30 32.99 32.07
C GLY C 135 22.51 34.47 32.25
N ASP C 136 21.96 35.02 33.32
CA ASP C 136 22.02 36.44 33.61
C ASP C 136 21.35 36.67 34.97
N ALA C 137 21.34 37.92 35.40
CA ALA C 137 20.66 38.31 36.63
C ALA C 137 19.19 38.53 36.28
N TRP C 138 18.49 37.42 36.01
CA TRP C 138 17.08 37.50 35.65
C TRP C 138 16.23 38.04 36.79
N ARG C 139 16.72 37.93 38.03
CA ARG C 139 16.03 38.47 39.20
C ARG C 139 16.59 39.81 39.65
N ASN C 140 17.90 40.03 39.47
CA ASN C 140 18.50 41.30 39.87
C ASN C 140 18.25 42.41 38.87
N PHE C 141 17.66 42.10 37.72
CA PHE C 141 17.24 43.12 36.76
C PHE C 141 16.26 44.08 37.44
N LYS C 142 16.67 45.32 37.64
CA LYS C 142 15.86 46.28 38.38
C LYS C 142 16.01 47.65 37.75
N ALA C 143 15.34 48.64 38.36
CA ALA C 143 15.34 49.99 37.84
C ALA C 143 16.60 50.74 38.24
N GLY C 144 16.78 51.91 37.64
CA GLY C 144 17.88 52.80 37.98
C GLY C 144 19.26 52.24 37.70
N GLU C 145 19.40 51.47 36.62
CA GLU C 145 20.67 50.88 36.26
C GLU C 145 21.00 51.02 34.78
N GLN C 146 20.09 51.59 33.98
CA GLN C 146 20.30 51.75 32.54
C GLN C 146 20.63 50.43 31.86
N GLN C 147 19.88 49.38 32.22
CA GLN C 147 20.11 48.05 31.70
C GLN C 147 18.96 47.60 30.80
N ILE C 148 19.30 46.95 29.69
CA ILE C 148 18.33 46.39 28.76
C ILE C 148 18.73 44.94 28.52
N ILE C 149 17.75 44.10 28.19
CA ILE C 149 18.00 42.72 27.79
C ILE C 149 17.58 42.56 26.34
N ILE C 150 18.43 41.90 25.55
CA ILE C 150 18.27 41.76 24.10
C ILE C 150 18.22 40.28 23.75
N GLY C 151 17.36 39.93 22.80
CA GLY C 151 17.35 38.58 22.28
C GLY C 151 18.63 38.26 21.52
N LYS C 152 18.96 36.97 21.46
CA LYS C 152 20.25 36.55 20.94
C LYS C 152 20.38 36.85 19.45
N GLY C 153 19.28 36.74 18.71
CA GLY C 153 19.32 37.05 17.29
C GLY C 153 19.68 38.50 17.02
N VAL C 154 19.06 39.42 17.75
CA VAL C 154 19.42 40.82 17.59
C VAL C 154 20.84 41.06 18.05
N ALA C 155 21.27 40.36 19.11
CA ALA C 155 22.63 40.54 19.63
C ALA C 155 23.67 40.13 18.61
N ASP C 156 23.49 38.97 17.96
CA ASP C 156 24.48 38.52 17.00
C ASP C 156 24.38 39.25 15.67
N ALA C 157 23.18 39.70 15.28
CA ALA C 157 23.06 40.51 14.08
C ALA C 157 23.51 41.94 14.31
N LEU C 158 23.69 42.35 15.57
CA LEU C 158 24.16 43.67 15.91
C LEU C 158 25.63 43.68 16.32
N LYS C 159 26.26 42.49 16.39
CA LYS C 159 27.67 42.36 16.79
C LYS C 159 27.91 42.96 18.18
N VAL C 160 26.97 42.75 19.08
CA VAL C 160 27.10 43.19 20.46
C VAL C 160 27.10 41.96 21.36
N LYS C 161 27.70 42.10 22.54
CA LYS C 161 27.85 40.99 23.48
C LYS C 161 27.48 41.47 24.87
N GLN C 162 27.60 40.57 25.84
CA GLN C 162 27.26 40.89 27.22
C GLN C 162 28.20 41.94 27.78
N GLY C 163 27.66 42.81 28.62
CA GLY C 163 28.44 43.89 29.20
C GLY C 163 28.93 44.90 28.19
N ASP C 164 28.12 45.21 27.18
CA ASP C 164 28.46 46.20 26.17
C ASP C 164 27.44 47.34 26.21
N TRP C 165 27.84 48.48 25.66
CA TRP C 165 27.00 49.67 25.67
C TRP C 165 26.38 49.91 24.29
N VAL C 166 25.12 50.35 24.30
CA VAL C 166 24.35 50.57 23.08
C VAL C 166 23.65 51.91 23.23
N SER C 167 23.33 52.54 22.10
CA SER C 167 22.53 53.75 22.13
C SER C 167 21.11 53.44 21.67
N ILE C 168 20.14 54.10 22.31
CA ILE C 168 18.74 53.87 22.02
C ILE C 168 18.10 55.22 21.69
N MET C 169 17.49 55.31 20.50
CA MET C 169 16.83 56.51 20.03
C MET C 169 15.32 56.29 20.05
N ILE C 170 14.61 57.24 20.65
CA ILE C 170 13.17 57.18 20.76
C ILE C 170 12.59 58.50 20.25
N PRO C 171 11.46 58.46 19.53
CA PRO C 171 10.91 59.72 19.01
C PRO C 171 10.47 60.69 20.10
N ASN C 172 9.73 60.20 21.09
CA ASN C 172 9.28 61.03 22.22
C ASN C 172 8.53 62.27 21.72
N SER C 173 7.54 62.04 20.86
CA SER C 173 6.80 63.14 20.26
C SER C 173 6.07 63.94 21.31
N ASN C 174 6.12 65.26 21.18
CA ASN C 174 5.41 66.19 22.03
C ASN C 174 4.72 67.21 21.13
N PRO C 175 3.63 67.81 21.60
CA PRO C 175 3.00 68.88 20.82
C PRO C 175 3.94 70.05 20.53
N GLU C 176 4.94 70.25 21.39
CA GLU C 176 5.94 71.29 21.17
C GLU C 176 6.89 70.89 20.03
N HIS C 177 7.89 71.74 19.77
CA HIS C 177 8.83 71.52 18.67
C HIS C 177 9.84 70.42 18.95
N LYS C 178 9.88 69.88 20.15
CA LYS C 178 10.87 68.85 20.49
C LYS C 178 10.57 67.49 19.87
N LEU C 179 9.47 67.37 19.12
CA LEU C 179 9.13 66.10 18.49
C LEU C 179 10.18 65.67 17.47
N MET C 180 10.70 66.62 16.69
CA MET C 180 11.76 66.31 15.75
C MET C 180 13.07 66.02 16.49
N GLN C 181 14.01 65.39 15.78
CA GLN C 181 15.32 65.05 16.33
C GLN C 181 15.15 64.15 17.56
N PRO C 182 14.82 62.88 17.36
CA PRO C 182 14.45 62.00 18.48
C PRO C 182 15.56 61.90 19.52
N LYS C 183 15.16 61.69 20.78
CA LYS C 183 16.11 61.66 21.89
C LYS C 183 16.93 60.38 21.86
N ARG C 184 18.24 60.51 22.05
CA ARG C 184 19.18 59.39 21.99
C ARG C 184 19.82 59.19 23.36
N VAL C 185 19.27 58.24 24.13
CA VAL C 185 19.81 57.85 25.43
C VAL C 185 20.85 56.76 25.23
N ARG C 186 21.63 56.48 26.27
CA ARG C 186 22.57 55.38 26.29
C ARG C 186 22.09 54.31 27.27
N LEU C 187 22.47 53.06 27.01
CA LEU C 187 22.04 51.95 27.84
C LEU C 187 23.07 50.83 27.78
N HIS C 188 22.95 49.90 28.72
CA HIS C 188 23.90 48.79 28.89
C HIS C 188 23.14 47.48 28.78
N VAL C 189 23.59 46.61 27.89
CA VAL C 189 22.96 45.30 27.73
C VAL C 189 23.43 44.40 28.86
N ALA C 190 22.57 43.45 29.27
CA ALA C 190 22.88 42.59 30.39
C ALA C 190 22.69 41.10 30.12
N GLY C 191 21.79 40.71 29.23
CA GLY C 191 21.48 39.31 29.04
C GLY C 191 21.03 39.01 27.62
N ILE C 192 21.04 37.73 27.28
CA ILE C 192 20.62 37.26 25.97
C ILE C 192 19.48 36.27 26.11
N LEU C 193 18.42 36.47 25.34
CA LEU C 193 17.27 35.56 25.35
C LEU C 193 17.41 34.54 24.23
N GLN C 194 16.88 33.34 24.47
CA GLN C 194 16.83 32.28 23.47
C GLN C 194 15.48 31.59 23.57
N LEU C 195 14.50 32.10 22.83
CA LEU C 195 13.13 31.60 22.92
C LEU C 195 12.77 30.67 21.78
N SER C 196 12.87 31.16 20.55
CA SER C 196 12.40 30.41 19.39
C SER C 196 13.07 31.00 18.14
N GLY C 197 12.62 30.55 16.97
CA GLY C 197 13.17 31.04 15.72
C GLY C 197 12.68 32.41 15.32
N GLN C 198 11.56 32.86 15.87
CA GLN C 198 10.98 34.14 15.48
C GLN C 198 10.84 35.11 16.64
N LEU C 199 10.52 34.61 17.84
CA LEU C 199 10.21 35.49 18.96
C LEU C 199 11.42 36.25 19.46
N ASP C 200 12.63 35.69 19.31
CA ASP C 200 13.82 36.30 19.89
C ASP C 200 14.40 37.42 19.04
N HIS C 201 13.93 37.60 17.80
CA HIS C 201 14.47 38.63 16.93
C HIS C 201 13.76 39.96 17.07
N SER C 202 12.78 40.08 17.97
CA SER C 202 12.02 41.31 18.11
C SER C 202 11.84 41.78 19.55
N PHE C 203 12.17 40.96 20.54
CA PHE C 203 11.96 41.33 21.93
C PHE C 203 13.19 41.98 22.53
N ALA C 204 13.00 43.15 23.13
CA ALA C 204 14.00 43.81 23.94
C ALA C 204 13.29 44.39 25.16
N MET C 205 13.78 44.09 26.35
CA MET C 205 13.04 44.44 27.56
C MET C 205 13.85 45.35 28.46
N ILE C 206 13.14 46.26 29.10
CA ILE C 206 13.71 47.34 29.90
C ILE C 206 12.93 47.43 31.22
N PRO C 207 13.50 48.00 32.28
CA PRO C 207 12.74 48.15 33.52
C PRO C 207 11.64 49.20 33.39
N LEU C 208 10.51 48.90 34.03
CA LEU C 208 9.30 49.72 33.83
C LEU C 208 9.48 51.11 34.42
N ALA C 209 10.10 51.22 35.60
CA ALA C 209 10.34 52.53 36.17
C ALA C 209 11.29 53.36 35.31
N ASP C 210 12.39 52.74 34.86
CA ASP C 210 13.26 53.42 33.91
C ASP C 210 12.55 53.68 32.59
N ALA C 211 11.56 52.86 32.26
CA ALA C 211 10.76 53.10 31.06
C ALA C 211 9.96 54.39 31.19
N GLN C 212 9.29 54.57 32.32
CA GLN C 212 8.56 55.81 32.56
C GLN C 212 9.50 57.00 32.70
N GLN C 213 10.73 56.77 33.17
CA GLN C 213 11.69 57.86 33.30
C GLN C 213 12.21 58.31 31.93
N TYR C 214 12.55 57.36 31.07
CA TYR C 214 13.16 57.69 29.77
C TYR C 214 12.16 58.31 28.80
N LEU C 215 10.87 58.17 29.06
CA LEU C 215 9.85 58.76 28.20
C LEU C 215 9.40 60.14 28.67
N ASP C 216 9.76 60.52 29.89
CA ASP C 216 9.30 61.77 30.50
C ASP C 216 7.77 61.82 30.58
N MET C 217 7.16 60.64 30.70
CA MET C 217 5.73 60.51 30.83
C MET C 217 5.37 60.33 32.31
N GLY C 218 4.07 60.36 32.59
CA GLY C 218 3.58 60.21 33.94
C GLY C 218 3.57 58.77 34.39
N SER C 219 3.07 58.56 35.61
CA SER C 219 2.96 57.22 36.20
C SER C 219 1.80 56.51 35.51
N SER C 220 2.10 55.93 34.35
CA SER C 220 1.10 55.26 33.54
C SER C 220 1.81 54.26 32.64
N VAL C 221 1.04 53.36 32.06
CA VAL C 221 1.56 52.33 31.16
C VAL C 221 0.75 52.36 29.87
N SER C 222 1.34 51.81 28.81
CA SER C 222 0.70 51.78 27.51
C SER C 222 -0.24 50.61 27.32
N GLY C 223 -0.27 49.67 28.25
CA GLY C 223 -1.20 48.56 28.14
C GLY C 223 -1.12 47.66 29.34
N ILE C 224 -2.02 46.68 29.36
CA ILE C 224 -2.10 45.70 30.45
C ILE C 224 -2.12 44.30 29.84
N ALA C 225 -1.27 43.43 30.37
CA ALA C 225 -1.14 42.05 29.91
C ALA C 225 -1.82 41.12 30.91
N LEU C 226 -2.36 40.04 30.36
CA LEU C 226 -3.22 39.11 31.09
C LEU C 226 -2.78 37.67 30.84
N LYS C 227 -2.81 36.86 31.90
CA LYS C 227 -2.56 35.43 31.83
C LYS C 227 -3.80 34.69 32.32
N MET C 228 -4.38 33.87 31.45
CA MET C 228 -5.48 32.98 31.80
C MET C 228 -4.95 31.71 32.45
N THR C 229 -5.88 30.92 32.98
CA THR C 229 -5.56 29.55 33.39
C THR C 229 -5.80 28.57 32.27
N ASP C 230 -6.83 28.81 31.45
CA ASP C 230 -7.09 28.05 30.23
C ASP C 230 -7.01 29.00 29.04
N VAL C 231 -6.23 28.61 28.03
CA VAL C 231 -5.90 29.53 26.95
C VAL C 231 -6.78 29.34 25.72
N PHE C 232 -7.35 28.15 25.54
CA PHE C 232 -8.09 27.85 24.31
C PHE C 232 -9.36 28.68 24.17
N ASN C 233 -9.88 29.24 25.27
CA ASN C 233 -11.02 30.13 25.23
C ASN C 233 -10.66 31.52 25.73
N ALA C 234 -9.48 32.01 25.34
CA ALA C 234 -9.02 33.30 25.84
C ALA C 234 -9.77 34.49 25.25
N ASN C 235 -10.36 34.33 24.07
CA ASN C 235 -11.03 35.47 23.43
C ASN C 235 -12.24 35.94 24.24
N LYS C 236 -13.14 35.03 24.59
CA LYS C 236 -14.31 35.41 25.36
C LYS C 236 -13.91 35.90 26.74
N LEU C 237 -12.92 35.26 27.35
CA LEU C 237 -12.50 35.65 28.68
C LEU C 237 -11.93 37.06 28.67
N VAL C 238 -11.10 37.40 27.68
CA VAL C 238 -10.54 38.74 27.64
C VAL C 238 -11.60 39.76 27.26
N ARG C 239 -12.58 39.36 26.44
CA ARG C 239 -13.70 40.26 26.17
C ARG C 239 -14.45 40.60 27.44
N ASP C 240 -14.75 39.58 28.26
CA ASP C 240 -15.40 39.83 29.54
C ASP C 240 -14.54 40.68 30.45
N ALA C 241 -13.24 40.40 30.49
CA ALA C 241 -12.34 41.17 31.36
C ALA C 241 -12.30 42.64 30.96
N GLY C 242 -12.23 42.92 29.66
CA GLY C 242 -12.31 44.30 29.20
C GLY C 242 -13.66 44.93 29.42
N GLU C 243 -14.72 44.13 29.43
CA GLU C 243 -16.04 44.65 29.74
C GLU C 243 -16.12 45.14 31.19
N VAL C 244 -15.37 44.51 32.08
CA VAL C 244 -15.41 44.88 33.50
C VAL C 244 -14.94 46.31 33.71
N THR C 245 -13.86 46.72 33.06
CA THR C 245 -13.33 48.06 33.20
C THR C 245 -14.02 49.00 32.21
N ASN C 246 -13.47 50.19 32.06
CA ASN C 246 -14.03 51.19 31.17
C ASN C 246 -14.06 50.67 29.74
N SER C 247 -14.84 51.35 28.90
CA SER C 247 -14.99 50.97 27.51
C SER C 247 -13.89 51.53 26.61
N TYR C 248 -12.95 52.30 27.16
CA TYR C 248 -11.85 52.85 26.37
C TYR C 248 -10.87 51.78 25.91
N VAL C 249 -10.93 50.58 26.48
CA VAL C 249 -9.92 49.57 26.18
C VAL C 249 -10.20 48.93 24.84
N TYR C 250 -9.15 48.40 24.22
CA TYR C 250 -9.26 47.47 23.10
C TYR C 250 -8.55 46.19 23.48
N ILE C 251 -9.19 45.07 23.22
CA ILE C 251 -8.68 43.76 23.58
C ILE C 251 -8.00 43.13 22.36
N LYS C 252 -6.88 42.48 22.63
CA LYS C 252 -6.16 41.68 21.64
C LYS C 252 -5.83 40.33 22.27
N SER C 253 -6.30 39.27 21.64
CA SER C 253 -6.08 37.91 22.11
C SER C 253 -5.03 37.24 21.23
N TRP C 254 -4.10 36.51 21.86
CA TRP C 254 -3.08 35.82 21.09
C TRP C 254 -3.70 34.86 20.09
N ILE C 255 -4.91 34.38 20.36
CA ILE C 255 -5.52 33.35 19.52
C ILE C 255 -5.58 33.80 18.07
N GLY C 256 -5.93 35.07 17.85
CA GLY C 256 -5.95 35.58 16.49
C GLY C 256 -4.61 35.46 15.79
N THR C 257 -3.52 35.64 16.54
CA THR C 257 -2.20 35.61 15.94
C THR C 257 -1.69 34.17 15.77
N TYR C 258 -2.05 33.27 16.70
CA TYR C 258 -1.36 32.00 16.79
C TYR C 258 -2.25 30.75 16.70
N GLY C 259 -3.55 30.88 16.50
CA GLY C 259 -4.38 29.70 16.39
C GLY C 259 -4.12 28.92 15.12
N TYR C 260 -3.50 29.58 14.13
CA TYR C 260 -3.17 28.88 12.90
C TYR C 260 -2.18 27.77 13.15
N MET C 261 -1.29 27.93 14.13
CA MET C 261 -0.37 26.85 14.48
C MET C 261 -1.13 25.62 14.97
N TYR C 262 -2.06 25.81 15.90
CA TYR C 262 -2.86 24.69 16.40
C TYR C 262 -3.65 24.04 15.28
N ARG C 263 -4.34 24.84 14.47
CA ARG C 263 -5.20 24.24 13.45
C ARG C 263 -4.37 23.55 12.37
N ASP C 264 -3.18 24.07 12.09
CA ASP C 264 -2.29 23.38 11.15
C ASP C 264 -1.79 22.07 11.73
N ILE C 265 -1.48 22.03 13.03
CA ILE C 265 -1.09 20.76 13.63
C ILE C 265 -2.23 19.75 13.52
N GLN C 266 -3.46 20.20 13.80
CA GLN C 266 -4.59 19.29 13.71
C GLN C 266 -4.79 18.79 12.29
N MET C 267 -4.65 19.67 11.29
CA MET C 267 -4.87 19.23 9.92
C MET C 267 -3.75 18.33 9.44
N ILE C 268 -2.52 18.55 9.92
CA ILE C 268 -1.44 17.63 9.59
C ILE C 268 -1.72 16.25 10.17
N ARG C 269 -2.19 16.21 11.42
CA ARG C 269 -2.55 14.92 12.00
C ARG C 269 -3.64 14.25 11.20
N ALA C 270 -4.65 15.01 10.77
CA ALA C 270 -5.73 14.45 9.97
C ALA C 270 -5.21 13.91 8.64
N ILE C 271 -4.32 14.66 7.99
CA ILE C 271 -3.79 14.24 6.70
C ILE C 271 -3.01 12.95 6.84
N MET C 272 -2.12 12.87 7.84
CA MET C 272 -1.36 11.63 8.03
C MET C 272 -2.27 10.48 8.37
N TYR C 273 -3.27 10.72 9.22
CA TYR C 273 -4.18 9.64 9.58
C TYR C 273 -4.92 9.10 8.36
N LEU C 274 -5.46 9.98 7.53
CA LEU C 274 -6.19 9.52 6.34
C LEU C 274 -5.25 8.78 5.38
N ALA C 275 -4.07 9.35 5.12
CA ALA C 275 -3.17 8.73 4.17
C ALA C 275 -2.72 7.34 4.65
N MET C 276 -2.45 7.20 5.94
CA MET C 276 -2.04 5.91 6.44
C MET C 276 -3.21 4.93 6.51
N VAL C 277 -4.44 5.43 6.68
CA VAL C 277 -5.59 4.55 6.52
C VAL C 277 -5.63 4.00 5.10
N LEU C 278 -5.34 4.84 4.11
CA LEU C 278 -5.25 4.35 2.74
C LEU C 278 -4.15 3.31 2.59
N VAL C 279 -3.00 3.54 3.21
CA VAL C 279 -1.89 2.59 3.13
C VAL C 279 -2.30 1.24 3.71
N ILE C 280 -2.91 1.25 4.89
CA ILE C 280 -3.36 0.01 5.51
C ILE C 280 -4.45 -0.64 4.66
N GLY C 281 -5.25 0.17 3.96
CA GLY C 281 -6.22 -0.39 3.04
C GLY C 281 -5.58 -1.18 1.91
N VAL C 282 -4.52 -0.63 1.33
CA VAL C 282 -3.82 -1.38 0.28
C VAL C 282 -3.22 -2.66 0.85
N ALA C 283 -2.59 -2.56 2.02
CA ALA C 283 -2.01 -3.76 2.63
C ALA C 283 -3.10 -4.78 2.97
N CYS C 284 -4.31 -4.34 3.32
CA CYS C 284 -5.34 -5.32 3.62
C CYS C 284 -5.89 -5.94 2.34
N PHE C 285 -5.83 -5.21 1.21
CA PHE C 285 -6.04 -5.89 -0.07
C PHE C 285 -5.05 -7.02 -0.25
N ASN C 286 -3.78 -6.77 0.10
CA ASN C 286 -2.79 -7.84 0.08
C ASN C 286 -3.24 -9.01 0.95
N ILE C 287 -3.74 -8.71 2.15
CA ILE C 287 -4.22 -9.76 3.06
C ILE C 287 -5.35 -10.54 2.40
N VAL C 288 -6.24 -9.86 1.69
CA VAL C 288 -7.34 -10.51 1.00
C VAL C 288 -6.82 -11.50 -0.02
N SER C 289 -5.81 -11.08 -0.79
CA SER C 289 -5.21 -11.97 -1.77
C SER C 289 -4.63 -13.21 -1.09
N THR C 290 -3.92 -12.99 0.02
CA THR C 290 -3.33 -14.13 0.75
C THR C 290 -4.41 -15.10 1.21
N LEU C 291 -5.52 -14.57 1.73
CA LEU C 291 -6.60 -15.45 2.20
C LEU C 291 -7.25 -16.19 1.04
N VAL C 292 -7.36 -15.55 -0.13
CA VAL C 292 -7.90 -16.24 -1.29
C VAL C 292 -7.02 -17.42 -1.65
N MET C 293 -5.69 -17.21 -1.62
CA MET C 293 -4.78 -18.32 -1.85
C MET C 293 -4.97 -19.41 -0.80
N ALA C 294 -5.11 -19.02 0.46
CA ALA C 294 -5.26 -19.99 1.54
C ALA C 294 -6.51 -20.83 1.34
N VAL C 295 -7.62 -20.21 0.96
CA VAL C 295 -8.86 -20.94 0.72
C VAL C 295 -8.69 -21.90 -0.44
N LYS C 296 -8.11 -21.41 -1.55
CA LYS C 296 -7.93 -22.27 -2.71
C LYS C 296 -7.00 -23.43 -2.41
N ASP C 297 -6.10 -23.29 -1.45
CA ASP C 297 -5.14 -24.34 -1.12
C ASP C 297 -5.65 -25.28 -0.03
N LYS C 298 -6.56 -24.84 0.83
CA LYS C 298 -7.09 -25.68 1.90
C LYS C 298 -8.56 -26.00 1.71
N SER C 299 -9.08 -25.89 0.48
CA SER C 299 -10.43 -26.34 0.20
C SER C 299 -10.70 -27.75 0.69
N GLY C 300 -9.75 -28.67 0.48
CA GLY C 300 -9.94 -30.03 0.95
C GLY C 300 -10.09 -30.11 2.47
N ASP C 301 -9.22 -29.40 3.20
CA ASP C 301 -9.29 -29.45 4.65
C ASP C 301 -10.57 -28.81 5.16
N ILE C 302 -11.03 -27.73 4.54
CA ILE C 302 -12.27 -27.11 5.01
C ILE C 302 -13.46 -27.99 4.66
N ALA C 303 -13.39 -28.72 3.55
CA ALA C 303 -14.42 -29.70 3.25
C ALA C 303 -14.46 -30.78 4.32
N VAL C 304 -13.28 -31.24 4.76
CA VAL C 304 -13.23 -32.24 5.83
C VAL C 304 -13.83 -31.66 7.11
N LEU C 305 -13.48 -30.41 7.43
CA LEU C 305 -14.11 -29.75 8.56
C LEU C 305 -15.61 -29.70 8.43
N ARG C 306 -16.11 -29.54 7.21
CA ARG C 306 -17.55 -29.53 6.94
C ARG C 306 -18.18 -30.90 7.12
N THR C 307 -17.50 -31.98 6.77
CA THR C 307 -18.12 -33.29 6.87
C THR C 307 -18.14 -33.83 8.29
N LEU C 308 -17.54 -33.12 9.23
CA LEU C 308 -17.69 -33.45 10.65
C LEU C 308 -18.85 -32.72 11.30
N GLY C 309 -19.67 -32.01 10.51
CA GLY C 309 -20.85 -31.38 11.05
C GLY C 309 -20.65 -29.99 11.60
N ALA C 310 -19.65 -29.26 11.11
CA ALA C 310 -19.44 -27.89 11.56
C ALA C 310 -20.56 -27.00 11.05
N LYS C 311 -20.73 -25.85 11.70
CA LYS C 311 -21.79 -24.92 11.32
C LYS C 311 -21.30 -24.00 10.21
N ASP C 312 -22.23 -23.24 9.65
CA ASP C 312 -21.94 -22.37 8.51
C ASP C 312 -21.18 -21.11 8.92
N GLY C 313 -20.89 -20.94 10.21
CA GLY C 313 -20.15 -19.78 10.66
C GLY C 313 -18.81 -20.17 11.25
N LEU C 314 -18.67 -21.43 11.63
CA LEU C 314 -17.42 -21.89 12.23
C LEU C 314 -16.26 -21.72 11.26
N ILE C 315 -16.45 -22.11 10.01
CA ILE C 315 -15.41 -21.92 9.00
C ILE C 315 -15.11 -20.44 8.83
N ARG C 316 -16.17 -19.63 8.80
CA ARG C 316 -15.99 -18.19 8.74
C ARG C 316 -15.17 -17.70 9.92
N ALA C 317 -15.46 -18.21 11.12
CA ALA C 317 -14.67 -17.83 12.29
C ALA C 317 -13.21 -18.22 12.11
N ILE C 318 -12.97 -19.41 11.58
CA ILE C 318 -11.60 -19.88 11.38
C ILE C 318 -10.85 -18.90 10.49
N PHE C 319 -11.44 -18.53 9.37
CA PHE C 319 -10.69 -17.69 8.44
C PHE C 319 -10.60 -16.24 8.89
N VAL C 320 -11.62 -15.72 9.59
CA VAL C 320 -11.47 -14.37 10.12
C VAL C 320 -10.37 -14.32 11.17
N TRP C 321 -10.27 -15.36 12.01
CA TRP C 321 -9.16 -15.39 12.96
C TRP C 321 -7.83 -15.56 12.23
N TYR C 322 -7.82 -16.31 11.14
CA TYR C 322 -6.60 -16.44 10.34
C TYR C 322 -6.14 -15.08 9.84
N GLY C 323 -7.05 -14.33 9.22
CA GLY C 323 -6.72 -13.01 8.73
C GLY C 323 -6.31 -12.06 9.83
N LEU C 324 -7.01 -12.11 10.95
CA LEU C 324 -6.72 -11.22 12.06
C LEU C 324 -5.33 -11.50 12.60
N LEU C 325 -4.96 -12.77 12.73
CA LEU C 325 -3.62 -13.14 13.16
C LEU C 325 -2.56 -12.69 12.16
N ALA C 326 -2.82 -12.86 10.86
CA ALA C 326 -1.86 -12.40 9.86
C ALA C 326 -1.65 -10.89 9.95
N GLY C 327 -2.71 -10.13 10.16
CA GLY C 327 -2.58 -8.70 10.35
C GLY C 327 -1.89 -8.36 11.66
N LEU C 328 -2.18 -9.17 12.68
CA LEU C 328 -1.66 -8.95 14.02
C LEU C 328 -0.13 -9.05 14.02
N PHE C 329 0.40 -10.04 13.29
CA PHE C 329 1.84 -10.22 13.22
C PHE C 329 2.52 -8.97 12.66
N GLY C 330 2.03 -8.49 11.52
CA GLY C 330 2.63 -7.29 10.93
C GLY C 330 2.42 -6.06 11.78
N SER C 331 1.26 -5.94 12.42
CA SER C 331 1.00 -4.77 13.25
C SER C 331 1.99 -4.70 14.40
N LEU C 332 2.22 -5.81 15.10
CA LEU C 332 3.25 -5.81 16.13
C LEU C 332 4.64 -5.59 15.54
N CYS C 333 4.95 -6.22 14.42
CA CYS C 333 6.25 -6.07 13.80
C CYS C 333 6.51 -4.65 13.33
N GLY C 334 5.46 -3.83 13.24
CA GLY C 334 5.65 -2.42 12.92
C GLY C 334 5.67 -1.54 14.15
N VAL C 335 4.81 -1.84 15.14
CA VAL C 335 4.75 -0.99 16.31
C VAL C 335 6.03 -1.12 17.13
N ILE C 336 6.74 -2.25 17.00
CA ILE C 336 8.03 -2.36 17.67
C ILE C 336 8.97 -1.24 17.21
N ILE C 337 9.11 -1.08 15.89
CA ILE C 337 9.91 0.03 15.37
C ILE C 337 9.30 1.36 15.78
N GLY C 338 7.97 1.47 15.70
CA GLY C 338 7.33 2.73 16.04
C GLY C 338 7.66 3.19 17.45
N VAL C 339 7.76 2.26 18.39
CA VAL C 339 8.12 2.61 19.75
C VAL C 339 9.63 2.83 19.87
N VAL C 340 10.41 2.06 19.11
CA VAL C 340 11.86 2.24 19.12
C VAL C 340 12.21 3.66 18.72
N VAL C 341 11.67 4.12 17.59
CA VAL C 341 11.77 5.52 17.21
C VAL C 341 10.82 6.30 18.09
N SER C 342 10.89 7.62 18.02
CA SER C 342 10.14 8.60 18.80
C SER C 342 10.68 8.72 20.21
N LEU C 343 11.65 7.91 20.61
CA LEU C 343 12.44 8.14 21.81
C LEU C 343 13.91 8.37 21.52
N GLN C 344 14.43 7.80 20.43
CA GLN C 344 15.73 8.13 19.89
C GLN C 344 15.62 8.92 18.59
N LEU C 345 14.48 9.58 18.37
CA LEU C 345 14.20 10.17 17.07
C LEU C 345 15.08 11.38 16.77
N THR C 346 15.30 12.24 17.77
CA THR C 346 16.12 13.42 17.53
C THR C 346 17.54 13.09 17.11
N PRO C 347 18.27 12.17 17.75
CA PRO C 347 19.58 11.78 17.19
C PRO C 347 19.47 11.18 15.81
N ILE C 348 18.39 10.45 15.50
CA ILE C 348 18.21 9.91 14.15
C ILE C 348 18.13 11.03 13.14
N ILE C 349 17.32 12.05 13.42
CA ILE C 349 17.16 13.14 12.47
C ILE C 349 18.41 13.98 12.36
N GLU C 350 19.14 14.23 13.45
CA GLU C 350 20.38 14.97 13.30
C GLU C 350 21.44 14.15 12.58
N TRP C 351 21.41 12.82 12.73
CA TRP C 351 22.29 11.96 11.96
C TRP C 351 21.98 12.08 10.47
N ILE C 352 20.70 12.05 10.10
CA ILE C 352 20.35 12.24 8.70
C ILE C 352 20.77 13.63 8.23
N GLU C 353 20.64 14.62 9.11
CA GLU C 353 21.00 16.00 8.77
C GLU C 353 22.50 16.16 8.53
N LYS C 354 23.33 15.45 9.29
CA LYS C 354 24.77 15.53 9.05
C LYS C 354 25.16 14.70 7.83
N LEU C 355 24.49 13.56 7.62
CA LEU C 355 24.78 12.72 6.48
C LEU C 355 24.41 13.41 5.18
N ILE C 356 23.22 14.03 5.14
CA ILE C 356 22.75 14.75 3.96
C ILE C 356 22.83 16.24 4.28
N GLY C 357 23.69 16.95 3.58
CA GLY C 357 23.94 18.34 3.89
C GLY C 357 22.79 19.26 3.53
N HIS C 358 21.69 19.12 4.24
CA HIS C 358 20.51 19.96 4.00
C HIS C 358 19.82 20.23 5.33
N GLN C 359 19.66 21.51 5.65
CA GLN C 359 18.98 21.92 6.88
C GLN C 359 17.47 21.70 6.73
N PHE C 360 16.83 21.25 7.80
CA PHE C 360 15.41 20.92 7.72
C PHE C 360 14.51 22.08 8.12
N LEU C 361 14.62 22.55 9.36
CA LEU C 361 13.66 23.51 9.91
C LEU C 361 14.27 24.83 10.36
N SER C 362 15.58 25.01 10.22
CA SER C 362 16.21 26.22 10.76
C SER C 362 15.96 27.42 9.86
N SER C 363 16.71 28.50 10.10
CA SER C 363 16.56 29.75 9.37
C SER C 363 15.18 30.37 9.60
N ASP C 364 14.88 30.67 10.87
CA ASP C 364 13.79 31.52 11.34
C ASP C 364 12.53 31.48 10.49
N ILE C 365 12.09 30.28 10.12
CA ILE C 365 10.79 30.08 9.48
C ILE C 365 9.86 29.24 10.35
N TYR C 366 10.32 28.09 10.82
CA TYR C 366 9.60 27.35 11.85
C TYR C 366 9.98 27.89 13.22
N PHE C 367 9.03 27.81 14.15
CA PHE C 367 9.25 28.41 15.47
C PHE C 367 10.37 27.72 16.25
N ILE C 368 10.56 26.42 16.02
CA ILE C 368 11.65 25.69 16.67
C ILE C 368 12.64 25.21 15.61
N ASP C 369 13.85 24.88 16.07
CA ASP C 369 14.92 24.50 15.17
C ASP C 369 14.92 23.00 14.91
N PHE C 370 14.89 22.19 15.95
CA PHE C 370 15.03 20.74 15.84
C PHE C 370 13.66 20.08 15.68
N LEU C 371 13.67 18.76 15.59
CA LEU C 371 12.44 17.99 15.50
C LEU C 371 12.18 17.29 16.82
N PRO C 372 11.18 17.71 17.59
CA PRO C 372 10.94 17.09 18.90
C PRO C 372 10.06 15.86 18.80
N SER C 373 9.76 15.25 19.93
CA SER C 373 8.88 14.09 19.96
C SER C 373 8.37 13.86 21.38
N GLU C 374 7.18 13.30 21.46
CA GLU C 374 6.60 12.87 22.73
C GLU C 374 5.61 11.76 22.42
N LEU C 375 5.71 10.65 23.16
CA LEU C 375 4.92 9.46 22.87
C LEU C 375 3.69 9.45 23.79
N HIS C 376 2.52 9.33 23.18
CA HIS C 376 1.27 9.14 23.92
C HIS C 376 0.76 7.73 23.62
N TRP C 377 0.60 6.93 24.67
CA TRP C 377 0.24 5.52 24.49
C TRP C 377 -1.18 5.34 23.98
N LEU C 378 -2.09 6.23 24.33
CA LEU C 378 -3.46 6.11 23.84
C LEU C 378 -3.52 6.21 22.32
N ASP C 379 -2.69 7.08 21.74
CA ASP C 379 -2.61 7.17 20.28
C ASP C 379 -2.12 5.85 19.69
N VAL C 380 -1.11 5.23 20.32
CA VAL C 380 -0.62 3.95 19.85
C VAL C 380 -1.74 2.91 19.88
N PHE C 381 -2.50 2.89 20.97
CA PHE C 381 -3.62 1.96 21.06
C PHE C 381 -4.64 2.21 19.96
N TYR C 382 -4.97 3.49 19.71
CA TYR C 382 -5.93 3.81 18.67
C TYR C 382 -5.45 3.34 17.30
N VAL C 383 -4.16 3.55 17.02
CA VAL C 383 -3.60 3.16 15.73
C VAL C 383 -3.65 1.65 15.55
N LEU C 384 -3.27 0.92 16.60
CA LEU C 384 -3.27 -0.54 16.50
C LEU C 384 -4.70 -1.06 16.34
N VAL C 385 -5.66 -0.45 17.02
CA VAL C 385 -7.06 -0.84 16.83
C VAL C 385 -7.51 -0.56 15.41
N THR C 386 -7.07 0.57 14.84
CA THR C 386 -7.42 0.88 13.46
C THR C 386 -6.87 -0.17 12.51
N ALA C 387 -5.62 -0.56 12.71
CA ALA C 387 -5.03 -1.60 11.87
C ALA C 387 -5.78 -2.91 11.99
N LEU C 388 -6.12 -3.30 13.22
CA LEU C 388 -6.88 -4.54 13.41
C LEU C 388 -8.24 -4.47 12.74
N LEU C 389 -8.93 -3.35 12.87
CA LEU C 389 -10.25 -3.21 12.26
C LEU C 389 -10.17 -3.29 10.75
N LEU C 390 -9.17 -2.62 10.14
CA LEU C 390 -9.03 -2.69 8.69
C LEU C 390 -8.72 -4.11 8.23
N SER C 391 -7.82 -4.80 8.95
CA SER C 391 -7.51 -6.18 8.60
C SER C 391 -8.74 -7.07 8.71
N LEU C 392 -9.54 -6.90 9.76
CA LEU C 392 -10.74 -7.68 9.93
C LEU C 392 -11.74 -7.41 8.81
N LEU C 393 -11.94 -6.13 8.46
CA LEU C 393 -12.84 -5.79 7.38
C LEU C 393 -12.40 -6.42 6.07
N ALA C 394 -11.08 -6.46 5.83
CA ALA C 394 -10.58 -7.12 4.63
C ALA C 394 -10.85 -8.61 4.68
N SER C 395 -10.57 -9.25 5.80
CA SER C 395 -10.66 -10.70 5.90
C SER C 395 -12.11 -11.17 5.93
N TRP C 396 -13.04 -10.25 6.16
CA TRP C 396 -14.44 -10.64 6.32
C TRP C 396 -15.02 -11.29 5.07
N TYR C 397 -14.78 -10.71 3.89
CA TYR C 397 -15.41 -11.24 2.68
C TYR C 397 -14.90 -12.64 2.31
N PRO C 398 -13.57 -12.90 2.29
CA PRO C 398 -13.11 -14.25 1.90
C PRO C 398 -13.69 -15.35 2.78
N ALA C 399 -13.88 -15.05 4.06
CA ALA C 399 -14.49 -16.03 4.95
C ALA C 399 -15.91 -16.37 4.50
N ARG C 400 -16.71 -15.34 4.19
CA ARG C 400 -18.07 -15.58 3.73
C ARG C 400 -18.07 -16.36 2.43
N ARG C 401 -17.15 -16.05 1.52
CA ARG C 401 -17.06 -16.82 0.29
C ARG C 401 -16.71 -18.28 0.56
N ALA C 402 -15.77 -18.53 1.47
CA ALA C 402 -15.41 -19.91 1.78
C ALA C 402 -16.57 -20.66 2.41
N SER C 403 -17.39 -19.96 3.19
CA SER C 403 -18.52 -20.61 3.84
C SER C 403 -19.52 -21.18 2.84
N ASN C 404 -19.67 -20.52 1.70
CA ASN C 404 -20.72 -20.86 0.74
C ASN C 404 -20.24 -21.76 -0.38
N ILE C 405 -19.26 -22.62 -0.12
CA ILE C 405 -18.84 -23.62 -1.08
C ILE C 405 -19.27 -24.99 -0.57
N ASP C 406 -19.99 -25.73 -1.40
CA ASP C 406 -20.40 -27.08 -1.06
C ASP C 406 -19.33 -28.05 -1.52
N PRO C 407 -18.73 -28.85 -0.63
CA PRO C 407 -17.74 -29.83 -1.08
C PRO C 407 -18.29 -30.81 -2.11
N ALA C 408 -19.54 -31.22 -1.95
CA ALA C 408 -20.13 -32.15 -2.92
C ALA C 408 -20.35 -31.48 -4.27
N ARG C 409 -20.54 -30.15 -4.27
CA ARG C 409 -20.75 -29.44 -5.52
C ARG C 409 -19.53 -29.51 -6.42
N VAL C 410 -18.33 -29.51 -5.84
CA VAL C 410 -17.11 -29.57 -6.64
C VAL C 410 -16.55 -30.99 -6.76
N LEU C 411 -16.75 -31.83 -5.74
CA LEU C 411 -16.28 -33.21 -5.84
C LEU C 411 -17.07 -34.00 -6.88
N SER C 412 -18.36 -33.69 -7.04
CA SER C 412 -19.20 -34.37 -8.01
C SER C 412 -20.19 -33.40 -8.64
N ASN D 2 -38.01 -52.76 11.21
CA ASN D 2 -38.32 -52.00 12.41
C ASN D 2 -37.76 -50.58 12.31
N LYS D 3 -37.31 -50.21 11.12
CA LYS D 3 -36.71 -48.90 10.92
C LYS D 3 -37.69 -47.78 11.24
N ILE D 4 -37.29 -46.89 12.14
CA ILE D 4 -38.08 -45.71 12.50
C ILE D 4 -37.27 -44.43 12.32
N LEU D 5 -35.98 -44.46 12.68
CA LEU D 5 -35.18 -43.23 12.69
C LEU D 5 -35.10 -42.59 11.31
N LEU D 6 -34.49 -43.29 10.35
CA LEU D 6 -34.28 -42.75 9.02
C LEU D 6 -34.71 -43.76 7.95
N GLN D 7 -35.44 -43.28 6.95
CA GLN D 7 -35.94 -44.12 5.87
C GLN D 7 -35.59 -43.45 4.54
N CYS D 8 -35.07 -44.24 3.60
CA CYS D 8 -34.74 -43.75 2.26
C CYS D 8 -35.73 -44.30 1.25
N ASP D 9 -36.25 -43.42 0.39
CA ASP D 9 -37.20 -43.85 -0.63
C ASP D 9 -37.00 -43.11 -1.95
N ASN D 10 -36.89 -43.89 -3.03
CA ASN D 10 -37.01 -43.39 -4.41
C ASN D 10 -35.99 -42.31 -4.74
N LEU D 11 -34.75 -42.47 -4.27
CA LEU D 11 -33.73 -41.46 -4.51
C LEU D 11 -33.38 -41.34 -5.97
N CYS D 12 -33.54 -40.14 -6.54
CA CYS D 12 -33.23 -39.87 -7.93
C CYS D 12 -32.29 -38.67 -8.02
N LYS D 13 -31.31 -38.76 -8.92
CA LYS D 13 -30.33 -37.70 -9.08
C LYS D 13 -29.76 -37.72 -10.49
N ARG D 14 -29.58 -36.53 -11.05
CA ARG D 14 -28.87 -36.34 -12.31
C ARG D 14 -27.82 -35.25 -12.11
N TYR D 15 -26.57 -35.55 -12.49
CA TYR D 15 -25.45 -34.67 -12.16
C TYR D 15 -24.60 -34.34 -13.37
N GLN D 16 -25.23 -34.07 -14.51
CA GLN D 16 -24.51 -33.69 -15.73
C GLN D 16 -25.09 -32.39 -16.26
N GLU D 17 -24.55 -31.93 -17.38
CA GLU D 17 -25.06 -30.77 -18.08
C GLU D 17 -26.19 -31.19 -19.02
N GLY D 18 -26.61 -30.29 -19.90
CA GLY D 18 -27.62 -30.63 -20.88
C GLY D 18 -27.13 -31.67 -21.88
N SER D 19 -28.07 -32.20 -22.66
CA SER D 19 -27.79 -33.19 -23.70
C SER D 19 -27.35 -34.50 -23.07
N VAL D 20 -26.16 -34.52 -22.47
CA VAL D 20 -25.61 -35.71 -21.83
C VAL D 20 -26.29 -35.93 -20.49
N GLN D 21 -27.34 -35.17 -20.20
CA GLN D 21 -28.05 -35.27 -18.94
C GLN D 21 -28.63 -36.68 -18.76
N THR D 22 -28.07 -37.44 -17.82
CA THR D 22 -28.54 -38.79 -17.55
C THR D 22 -29.09 -38.87 -16.13
N ASP D 23 -30.32 -39.39 -16.00
CA ASP D 23 -30.90 -39.67 -14.70
C ASP D 23 -30.31 -40.98 -14.21
N VAL D 24 -29.14 -40.88 -13.57
CA VAL D 24 -28.35 -42.06 -13.22
C VAL D 24 -29.08 -42.92 -12.19
N LEU D 25 -29.93 -42.33 -11.36
CA LEU D 25 -30.57 -43.05 -10.27
C LEU D 25 -32.08 -42.98 -10.42
N HIS D 26 -32.75 -44.07 -10.07
CA HIS D 26 -34.21 -44.11 -10.12
C HIS D 26 -34.71 -45.14 -9.13
N ASN D 27 -35.65 -44.71 -8.27
CA ASN D 27 -36.32 -45.60 -7.32
C ASN D 27 -35.31 -46.33 -6.43
N VAL D 28 -34.48 -45.54 -5.74
CA VAL D 28 -33.51 -46.07 -4.80
C VAL D 28 -34.10 -45.94 -3.40
N SER D 29 -34.38 -47.07 -2.76
CA SER D 29 -35.02 -47.10 -1.45
C SER D 29 -34.29 -48.08 -0.56
N PHE D 30 -34.14 -47.71 0.71
CA PHE D 30 -33.42 -48.52 1.68
C PHE D 30 -34.33 -48.92 2.82
N SER D 31 -34.04 -50.08 3.39
CA SER D 31 -34.72 -50.56 4.59
C SER D 31 -33.65 -50.88 5.62
N VAL D 32 -33.21 -49.84 6.35
CA VAL D 32 -32.16 -49.98 7.34
C VAL D 32 -32.79 -49.82 8.73
N GLY D 33 -32.86 -50.91 9.47
CA GLY D 33 -33.45 -50.92 10.79
C GLY D 33 -32.37 -50.94 11.86
N GLU D 34 -32.64 -50.24 12.95
CA GLU D 34 -31.68 -50.18 14.05
C GLU D 34 -31.52 -51.55 14.67
N GLY D 35 -30.27 -51.94 14.93
CA GLY D 35 -29.95 -53.24 15.45
C GLY D 35 -29.66 -54.30 14.41
N GLU D 36 -29.85 -54.00 13.13
CA GLU D 36 -29.61 -54.95 12.06
C GLU D 36 -28.42 -54.50 11.21
N MET D 37 -27.67 -55.50 10.71
CA MET D 37 -26.41 -55.28 10.00
C MET D 37 -26.65 -55.47 8.50
N MET D 38 -26.69 -54.36 7.77
CA MET D 38 -26.85 -54.40 6.32
C MET D 38 -25.55 -54.00 5.64
N ALA D 39 -25.24 -54.66 4.53
CA ALA D 39 -24.08 -54.35 3.72
C ALA D 39 -24.51 -54.11 2.29
N ILE D 40 -23.85 -53.17 1.61
CA ILE D 40 -24.10 -52.87 0.21
C ILE D 40 -22.96 -53.44 -0.62
N VAL D 41 -23.31 -54.18 -1.66
CA VAL D 41 -22.33 -54.85 -2.49
C VAL D 41 -22.43 -54.28 -3.91
N GLY D 42 -21.29 -54.18 -4.56
CA GLY D 42 -21.25 -53.67 -5.92
C GLY D 42 -19.81 -53.60 -6.42
N SER D 43 -19.70 -53.25 -7.70
CA SER D 43 -18.42 -53.19 -8.38
C SER D 43 -17.91 -51.76 -8.47
N SER D 44 -16.63 -51.63 -8.81
CA SER D 44 -16.00 -50.32 -8.90
C SER D 44 -16.51 -49.56 -10.13
N GLY D 45 -16.78 -48.28 -9.93
CA GLY D 45 -17.23 -47.44 -11.03
C GLY D 45 -18.60 -47.75 -11.56
N SER D 46 -19.42 -48.47 -10.80
CA SER D 46 -20.75 -48.88 -11.24
C SER D 46 -21.84 -47.97 -10.67
N GLY D 47 -21.55 -46.68 -10.54
CA GLY D 47 -22.54 -45.73 -10.06
C GLY D 47 -22.96 -45.92 -8.62
N LYS D 48 -22.00 -46.19 -7.73
CA LYS D 48 -22.29 -46.40 -6.32
C LYS D 48 -21.89 -45.23 -5.43
N SER D 49 -20.85 -44.49 -5.78
CA SER D 49 -20.37 -43.42 -4.93
C SER D 49 -21.30 -42.22 -4.90
N THR D 50 -22.00 -41.94 -6.01
CA THR D 50 -22.84 -40.75 -6.07
C THR D 50 -23.98 -40.81 -5.05
N LEU D 51 -24.76 -41.89 -5.05
CA LEU D 51 -25.84 -42.00 -4.08
C LEU D 51 -25.31 -42.14 -2.67
N LEU D 52 -24.17 -42.83 -2.52
CA LEU D 52 -23.58 -42.99 -1.20
C LEU D 52 -23.21 -41.65 -0.59
N HIS D 53 -22.66 -40.75 -1.39
CA HIS D 53 -22.45 -39.39 -0.94
C HIS D 53 -23.77 -38.65 -0.75
N LEU D 54 -24.77 -38.95 -1.56
CA LEU D 54 -26.09 -38.36 -1.37
C LEU D 54 -26.70 -38.78 -0.04
N LEU D 55 -26.46 -40.03 0.38
CA LEU D 55 -27.02 -40.51 1.63
C LEU D 55 -26.54 -39.73 2.84
N GLY D 56 -25.43 -39.01 2.73
CA GLY D 56 -24.97 -38.14 3.78
C GLY D 56 -25.57 -36.75 3.76
N GLY D 57 -26.52 -36.50 2.86
CA GLY D 57 -27.09 -35.17 2.76
C GLY D 57 -26.16 -34.14 2.18
N LEU D 58 -25.17 -34.57 1.39
CA LEU D 58 -24.18 -33.65 0.87
C LEU D 58 -24.76 -32.73 -0.20
N ASP D 59 -25.55 -33.28 -1.10
CA ASP D 59 -26.29 -32.51 -2.09
C ASP D 59 -27.78 -32.82 -1.95
N THR D 60 -28.61 -31.98 -2.55
CA THR D 60 -30.04 -32.19 -2.47
C THR D 60 -30.50 -33.14 -3.56
N PRO D 61 -31.13 -34.26 -3.23
CA PRO D 61 -31.63 -35.17 -4.26
C PRO D 61 -32.61 -34.44 -5.18
N THR D 62 -32.55 -34.77 -6.47
CA THR D 62 -33.57 -34.28 -7.39
C THR D 62 -34.93 -34.84 -7.03
N SER D 63 -34.99 -36.12 -6.68
CA SER D 63 -36.21 -36.76 -6.23
C SER D 63 -35.87 -37.84 -5.22
N GLY D 64 -36.87 -38.22 -4.42
CA GLY D 64 -36.67 -39.17 -3.35
C GLY D 64 -36.34 -38.47 -2.04
N ASP D 65 -36.65 -39.17 -0.95
CA ASP D 65 -36.60 -38.57 0.39
C ASP D 65 -35.77 -39.42 1.34
N VAL D 66 -35.08 -38.71 2.23
CA VAL D 66 -34.47 -39.29 3.43
C VAL D 66 -35.25 -38.71 4.60
N ILE D 67 -36.16 -39.51 5.16
CA ILE D 67 -37.17 -39.04 6.10
C ILE D 67 -36.75 -39.44 7.51
N PHE D 68 -36.92 -38.53 8.46
CA PHE D 68 -36.62 -38.75 9.86
C PHE D 68 -37.92 -38.67 10.67
N ASN D 69 -38.46 -39.83 11.03
CA ASN D 69 -39.67 -39.93 11.86
C ASN D 69 -40.84 -39.14 11.26
N GLY D 70 -40.82 -38.93 9.94
CA GLY D 70 -41.79 -38.06 9.31
C GLY D 70 -41.35 -36.62 9.18
N GLN D 71 -40.21 -36.25 9.75
CA GLN D 71 -39.69 -34.89 9.63
C GLN D 71 -38.70 -34.82 8.47
N PRO D 72 -39.02 -34.06 7.42
CA PRO D 72 -38.14 -34.03 6.25
C PRO D 72 -36.95 -33.11 6.45
N MET D 73 -35.78 -33.61 6.06
CA MET D 73 -34.56 -32.81 6.17
C MET D 73 -34.61 -31.58 5.27
N SER D 74 -35.19 -31.70 4.08
CA SER D 74 -35.15 -30.63 3.10
C SER D 74 -35.80 -29.35 3.60
N LYS D 75 -36.91 -29.47 4.33
CA LYS D 75 -37.59 -28.28 4.83
C LYS D 75 -36.82 -27.58 5.94
N LEU D 76 -35.93 -28.29 6.62
CA LEU D 76 -35.22 -27.68 7.75
C LEU D 76 -33.80 -27.29 7.32
N SER D 77 -33.23 -26.32 8.03
CA SER D 77 -32.06 -25.58 7.58
C SER D 77 -30.82 -26.46 7.54
N SER D 78 -29.76 -25.91 6.92
CA SER D 78 -28.49 -26.62 6.80
C SER D 78 -27.81 -26.84 8.14
N ALA D 79 -28.03 -25.95 9.11
CA ALA D 79 -27.47 -26.17 10.43
C ALA D 79 -27.96 -27.48 11.03
N ALA D 80 -29.23 -27.82 10.76
CA ALA D 80 -29.76 -29.10 11.19
C ALA D 80 -28.96 -30.25 10.59
N LYS D 81 -28.63 -30.14 9.30
CA LYS D 81 -27.72 -31.10 8.69
C LYS D 81 -26.41 -31.16 9.43
N ALA D 82 -25.93 -30.01 9.93
CA ALA D 82 -24.67 -29.99 10.64
C ALA D 82 -24.73 -30.83 11.92
N GLU D 83 -25.76 -30.65 12.74
CA GLU D 83 -25.76 -31.46 13.96
C GLU D 83 -26.09 -32.91 13.64
N LEU D 84 -26.85 -33.16 12.58
CA LEU D 84 -27.07 -34.54 12.17
C LEU D 84 -25.76 -35.22 11.79
N ARG D 85 -24.91 -34.51 11.06
CA ARG D 85 -23.59 -35.01 10.70
C ARG D 85 -22.63 -35.09 11.89
N ASN D 86 -22.86 -34.29 12.93
CA ASN D 86 -21.93 -34.22 14.04
C ASN D 86 -22.28 -35.15 15.20
N GLN D 87 -23.56 -35.41 15.45
CA GLN D 87 -23.99 -36.06 16.67
C GLN D 87 -24.79 -37.33 16.44
N LYS D 88 -25.50 -37.45 15.32
CA LYS D 88 -26.33 -38.63 15.09
C LYS D 88 -25.80 -39.53 13.99
N LEU D 89 -25.08 -38.99 13.01
CA LEU D 89 -24.62 -39.75 11.85
C LEU D 89 -23.12 -39.63 11.73
N GLY D 90 -22.45 -40.75 11.41
CA GLY D 90 -21.03 -40.75 11.13
C GLY D 90 -20.75 -41.27 9.74
N PHE D 91 -20.08 -40.47 8.91
CA PHE D 91 -19.91 -40.78 7.50
C PHE D 91 -18.44 -40.74 7.13
N ILE D 92 -17.98 -41.76 6.41
CA ILE D 92 -16.56 -41.94 6.11
C ILE D 92 -16.34 -41.93 4.61
N TYR D 93 -15.46 -41.05 4.14
CA TYR D 93 -14.92 -41.17 2.80
C TYR D 93 -13.82 -42.23 2.75
N GLN D 94 -13.71 -42.88 1.60
CA GLN D 94 -12.71 -43.92 1.39
C GLN D 94 -11.32 -43.34 1.17
N PHE D 95 -11.22 -42.10 0.70
CA PHE D 95 -9.98 -41.37 0.89
C PHE D 95 -9.72 -41.14 2.38
N HIS D 96 -8.44 -40.92 2.71
CA HIS D 96 -8.05 -40.68 4.09
C HIS D 96 -8.67 -39.39 4.63
N HIS D 97 -8.44 -38.28 3.92
CA HIS D 97 -8.99 -36.98 4.28
C HIS D 97 -8.69 -36.64 5.74
N LEU D 98 -7.40 -36.64 6.07
CA LEU D 98 -6.94 -36.33 7.41
C LEU D 98 -6.44 -34.89 7.46
N LEU D 99 -6.16 -34.42 8.67
CA LEU D 99 -5.63 -33.07 8.85
C LEU D 99 -4.15 -33.16 9.19
N PRO D 100 -3.25 -32.79 8.29
CA PRO D 100 -1.81 -32.95 8.57
C PRO D 100 -1.31 -32.11 9.73
N ASP D 101 -2.05 -31.08 10.14
CA ASP D 101 -1.58 -30.15 11.17
C ASP D 101 -1.88 -30.60 12.59
N PHE D 102 -2.88 -31.45 12.79
CA PHE D 102 -3.23 -31.92 14.12
C PHE D 102 -2.54 -33.25 14.41
N THR D 103 -2.27 -33.49 15.70
CA THR D 103 -1.79 -34.78 16.13
C THR D 103 -2.95 -35.78 16.14
N ALA D 104 -2.68 -36.99 16.61
CA ALA D 104 -3.72 -38.00 16.68
C ALA D 104 -4.84 -37.58 17.62
N LEU D 105 -4.49 -36.99 18.77
CA LEU D 105 -5.51 -36.63 19.76
C LEU D 105 -6.48 -35.60 19.19
N GLU D 106 -5.96 -34.52 18.60
CA GLU D 106 -6.85 -33.55 17.98
C GLU D 106 -7.60 -34.15 16.81
N ASN D 107 -6.93 -34.97 16.00
CA ASN D 107 -7.59 -35.57 14.85
C ASN D 107 -8.76 -36.47 15.26
N VAL D 108 -8.71 -37.05 16.45
CA VAL D 108 -9.81 -37.91 16.88
C VAL D 108 -10.83 -37.17 17.72
N ALA D 109 -10.43 -36.11 18.42
CA ALA D 109 -11.35 -35.36 19.25
C ALA D 109 -11.98 -34.17 18.55
N MET D 110 -11.58 -33.90 17.30
CA MET D 110 -12.11 -32.75 16.58
C MET D 110 -13.63 -32.75 16.51
N PRO D 111 -14.31 -33.86 16.18
CA PRO D 111 -15.78 -33.85 16.26
C PRO D 111 -16.29 -33.55 17.66
N LEU D 112 -15.62 -34.06 18.69
CA LEU D 112 -16.01 -33.71 20.06
C LEU D 112 -15.79 -32.23 20.31
N LEU D 113 -14.70 -31.68 19.76
CA LEU D 113 -14.45 -30.25 19.90
C LEU D 113 -15.59 -29.44 19.30
N ILE D 114 -16.06 -29.85 18.12
CA ILE D 114 -17.25 -29.21 17.54
C ILE D 114 -18.48 -29.51 18.38
N GLY D 115 -18.42 -30.54 19.22
CA GLY D 115 -19.52 -30.86 20.10
C GLY D 115 -19.60 -29.93 21.30
N LYS D 116 -18.71 -28.94 21.32
CA LYS D 116 -18.66 -27.88 22.34
C LYS D 116 -18.89 -28.39 23.75
N LYS D 117 -18.24 -29.50 24.10
CA LYS D 117 -18.21 -29.94 25.48
C LYS D 117 -16.89 -29.55 26.14
N LYS D 118 -16.90 -29.49 27.46
CA LYS D 118 -15.75 -28.99 28.20
C LYS D 118 -14.62 -30.04 28.18
N PRO D 119 -13.37 -29.61 28.37
CA PRO D 119 -12.24 -30.48 27.97
C PRO D 119 -12.17 -31.83 28.64
N ALA D 120 -12.56 -31.96 29.90
CA ALA D 120 -12.22 -33.16 30.65
C ALA D 120 -12.87 -34.42 30.07
N GLU D 121 -14.19 -34.39 29.89
CA GLU D 121 -14.88 -35.60 29.45
C GLU D 121 -14.55 -35.92 28.00
N ILE D 122 -14.35 -34.89 27.16
CA ILE D 122 -14.02 -35.14 25.75
C ILE D 122 -12.63 -35.74 25.64
N ASN D 123 -11.68 -35.25 26.46
CA ASN D 123 -10.35 -35.81 26.43
C ASN D 123 -10.35 -37.24 26.94
N SER D 124 -11.11 -37.52 28.00
CA SER D 124 -11.22 -38.89 28.49
C SER D 124 -11.86 -39.80 27.45
N ARG D 125 -12.87 -39.29 26.75
CA ARG D 125 -13.55 -40.06 25.71
C ARG D 125 -12.59 -40.39 24.58
N ALA D 126 -11.77 -39.41 24.19
CA ALA D 126 -10.77 -39.62 23.16
C ALA D 126 -9.75 -40.67 23.59
N LEU D 127 -9.29 -40.58 24.84
CA LEU D 127 -8.33 -41.58 25.34
C LEU D 127 -8.96 -42.98 25.35
N GLU D 128 -10.24 -43.07 25.68
CA GLU D 128 -10.91 -44.36 25.68
C GLU D 128 -10.95 -44.95 24.28
N MET D 129 -11.34 -44.15 23.29
CA MET D 129 -11.29 -44.61 21.92
C MET D 129 -9.87 -44.98 21.51
N LEU D 130 -8.88 -44.22 21.99
CA LEU D 130 -7.49 -44.53 21.64
C LEU D 130 -7.07 -45.89 22.19
N LYS D 131 -7.46 -46.22 23.43
CA LYS D 131 -7.08 -47.54 23.93
C LYS D 131 -7.81 -48.62 23.15
N ALA D 132 -9.07 -48.35 22.77
CA ALA D 132 -9.81 -49.35 21.99
C ALA D 132 -9.16 -49.59 20.63
N VAL D 133 -8.67 -48.54 19.99
CA VAL D 133 -8.00 -48.66 18.70
C VAL D 133 -6.67 -49.38 18.84
N GLY D 134 -5.89 -49.04 19.86
CA GLY D 134 -4.63 -49.69 20.12
C GLY D 134 -3.39 -48.96 19.63
N LEU D 135 -3.50 -47.68 19.30
CA LEU D 135 -2.36 -46.89 18.81
C LEU D 135 -1.92 -45.86 19.84
N ASP D 136 -2.00 -46.20 21.13
CA ASP D 136 -1.58 -45.29 22.18
C ASP D 136 -0.08 -45.03 22.15
N HIS D 137 0.68 -45.89 21.47
CA HIS D 137 2.13 -45.78 21.50
C HIS D 137 2.61 -44.45 20.93
N ARG D 138 2.06 -44.04 19.79
CA ARG D 138 2.43 -42.81 19.12
C ARG D 138 1.22 -41.88 19.14
N ALA D 139 1.14 -41.04 20.17
CA ALA D 139 -0.06 -40.25 20.38
C ALA D 139 0.08 -38.85 19.83
N ASN D 140 1.22 -38.19 20.07
CA ASN D 140 1.34 -36.76 19.84
C ASN D 140 2.26 -36.38 18.69
N HIS D 141 2.74 -37.34 17.91
CA HIS D 141 3.56 -36.99 16.75
C HIS D 141 2.68 -36.79 15.52
N ARG D 142 3.33 -36.40 14.42
CA ARG D 142 2.65 -36.08 13.17
C ARG D 142 2.02 -37.32 12.54
N PRO D 143 0.72 -37.27 12.25
CA PRO D 143 0.09 -38.39 11.54
C PRO D 143 0.62 -38.60 10.14
N SER D 144 1.24 -37.59 9.54
CA SER D 144 1.66 -37.68 8.15
C SER D 144 2.73 -38.76 7.97
N GLU D 145 3.62 -38.93 8.94
CA GLU D 145 4.74 -39.86 8.80
C GLU D 145 4.42 -41.26 9.31
N LEU D 146 3.15 -41.66 9.31
CA LEU D 146 2.78 -43.02 9.66
C LEU D 146 2.34 -43.77 8.41
N SER D 147 2.06 -45.05 8.59
CA SER D 147 1.73 -45.93 7.47
C SER D 147 0.31 -45.65 6.99
N GLY D 148 -0.10 -46.38 5.96
CA GLY D 148 -1.42 -46.18 5.38
C GLY D 148 -2.53 -46.71 6.25
N GLY D 149 -2.47 -48.00 6.58
CA GLY D 149 -3.55 -48.62 7.34
C GLY D 149 -3.77 -47.96 8.68
N GLU D 150 -2.69 -47.51 9.32
CA GLU D 150 -2.84 -46.79 10.57
C GLU D 150 -3.61 -45.49 10.38
N ARG D 151 -3.32 -44.76 9.30
CA ARG D 151 -4.07 -43.54 9.03
C ARG D 151 -5.54 -43.84 8.74
N GLN D 152 -5.81 -44.91 7.99
CA GLN D 152 -7.19 -45.28 7.73
C GLN D 152 -7.94 -45.62 9.02
N ARG D 153 -7.30 -46.36 9.92
CA ARG D 153 -7.98 -46.72 11.16
C ARG D 153 -8.11 -45.52 12.10
N VAL D 154 -7.18 -44.56 12.02
CA VAL D 154 -7.37 -43.31 12.74
C VAL D 154 -8.59 -42.57 12.21
N ALA D 155 -8.77 -42.56 10.88
CA ALA D 155 -9.96 -41.95 10.31
C ALA D 155 -11.22 -42.66 10.80
N ILE D 156 -11.19 -43.99 10.83
CA ILE D 156 -12.34 -44.75 11.31
C ILE D 156 -12.63 -44.39 12.76
N ALA D 157 -11.58 -44.32 13.58
CA ALA D 157 -11.76 -43.97 14.99
C ALA D 157 -12.39 -42.61 15.14
N ARG D 158 -11.83 -41.58 14.50
CA ARG D 158 -12.40 -40.24 14.61
C ARG D 158 -13.83 -40.23 14.09
N ALA D 159 -14.16 -41.14 13.18
CA ALA D 159 -15.53 -41.25 12.72
C ALA D 159 -16.45 -41.92 13.75
N LEU D 160 -15.92 -42.78 14.61
CA LEU D 160 -16.75 -43.53 15.55
C LEU D 160 -16.68 -43.01 16.98
N VAL D 161 -16.03 -41.86 17.21
CA VAL D 161 -15.88 -41.36 18.57
C VAL D 161 -17.24 -41.00 19.19
N ASN D 162 -18.11 -40.34 18.44
CA ASN D 162 -19.34 -39.80 19.00
C ASN D 162 -20.45 -40.81 19.12
N ASN D 163 -20.21 -42.06 18.75
CA ASN D 163 -21.22 -43.11 18.77
C ASN D 163 -22.48 -42.70 18.01
N PRO D 164 -22.36 -42.34 16.73
CA PRO D 164 -23.53 -41.88 16.00
C PRO D 164 -24.49 -43.02 15.70
N ARG D 165 -25.75 -42.67 15.45
CA ARG D 165 -26.75 -43.67 15.11
C ARG D 165 -26.37 -44.41 13.82
N LEU D 166 -26.06 -43.67 12.76
CA LEU D 166 -25.76 -44.25 11.46
C LEU D 166 -24.28 -44.04 11.17
N VAL D 167 -23.57 -45.15 10.94
CA VAL D 167 -22.16 -45.12 10.59
C VAL D 167 -22.03 -45.70 9.20
N LEU D 168 -21.89 -44.83 8.20
CA LEU D 168 -21.67 -45.26 6.83
C LEU D 168 -20.17 -45.25 6.54
N ALA D 169 -19.63 -46.43 6.22
CA ALA D 169 -18.20 -46.61 6.04
C ALA D 169 -17.97 -47.22 4.65
N ASP D 170 -17.38 -46.43 3.76
CA ASP D 170 -17.31 -46.75 2.35
C ASP D 170 -15.96 -47.41 2.09
N GLU D 171 -15.92 -48.74 2.04
CA GLU D 171 -14.69 -49.53 2.10
C GLU D 171 -13.72 -49.04 3.18
N PRO D 172 -13.91 -49.45 4.43
CA PRO D 172 -12.92 -49.13 5.46
C PRO D 172 -11.64 -49.93 5.37
N THR D 173 -11.62 -51.04 4.61
CA THR D 173 -10.51 -51.97 4.63
C THR D 173 -9.85 -52.17 3.27
N GLY D 174 -10.13 -51.30 2.30
CA GLY D 174 -9.54 -51.47 0.98
C GLY D 174 -8.01 -51.40 1.00
N ASN D 175 -7.47 -50.41 1.71
CA ASN D 175 -6.03 -50.28 1.86
C ASN D 175 -5.52 -50.90 3.15
N LEU D 176 -6.37 -51.60 3.89
CA LEU D 176 -6.03 -52.15 5.20
C LEU D 176 -5.71 -53.63 5.10
N ASP D 177 -4.75 -54.09 5.91
CA ASP D 177 -4.42 -55.51 5.99
C ASP D 177 -5.52 -56.24 6.75
N ALA D 178 -5.47 -57.57 6.74
CA ALA D 178 -6.46 -58.36 7.46
C ALA D 178 -6.23 -58.36 8.97
N ARG D 179 -4.97 -58.21 9.40
CA ARG D 179 -4.67 -58.28 10.83
C ARG D 179 -5.31 -57.13 11.60
N ASN D 180 -5.43 -55.96 10.97
CA ASN D 180 -6.19 -54.89 11.58
C ASN D 180 -7.67 -54.96 11.19
N ALA D 181 -7.97 -55.55 10.03
CA ALA D 181 -9.35 -55.62 9.57
C ALA D 181 -10.20 -56.48 10.49
N ASP D 182 -9.70 -57.66 10.89
CA ASP D 182 -10.47 -58.50 11.79
C ASP D 182 -10.64 -57.83 13.15
N SER D 183 -9.61 -57.13 13.63
CA SER D 183 -9.71 -56.43 14.90
C SER D 183 -10.76 -55.34 14.87
N ILE D 184 -10.77 -54.52 13.82
CA ILE D 184 -11.78 -53.46 13.73
C ILE D 184 -13.15 -54.06 13.49
N PHE D 185 -13.23 -55.19 12.79
CA PHE D 185 -14.50 -55.86 12.61
C PHE D 185 -15.08 -56.34 13.94
N GLN D 186 -14.25 -56.96 14.77
CA GLN D 186 -14.72 -57.37 16.10
C GLN D 186 -15.10 -56.16 16.95
N LEU D 187 -14.28 -55.10 16.87
CA LEU D 187 -14.56 -53.88 17.62
C LEU D 187 -15.92 -53.31 17.26
N LEU D 188 -16.15 -53.10 15.97
CA LEU D 188 -17.46 -52.63 15.52
C LEU D 188 -18.54 -53.65 15.86
N GLY D 189 -18.18 -54.92 15.96
CA GLY D 189 -19.14 -55.92 16.40
C GLY D 189 -19.64 -55.66 17.80
N GLU D 190 -18.74 -55.40 18.75
CA GLU D 190 -19.25 -55.11 20.10
C GLU D 190 -19.95 -53.77 20.17
N LEU D 191 -19.47 -52.78 19.40
CA LEU D 191 -20.18 -51.50 19.35
C LEU D 191 -21.60 -51.66 18.83
N ASN D 192 -21.78 -52.50 17.81
CA ASN D 192 -23.11 -52.74 17.25
C ASN D 192 -23.99 -53.55 18.19
N ARG D 193 -23.45 -54.57 18.83
CA ARG D 193 -24.30 -55.41 19.67
C ARG D 193 -24.66 -54.70 20.98
N LEU D 194 -23.76 -53.87 21.51
CA LEU D 194 -23.95 -53.28 22.83
C LEU D 194 -24.55 -51.88 22.74
N GLN D 195 -23.85 -50.94 22.11
CA GLN D 195 -24.36 -49.58 21.96
C GLN D 195 -25.42 -49.48 20.87
N GLY D 196 -25.37 -50.37 19.89
CA GLY D 196 -26.50 -50.55 18.99
C GLY D 196 -26.52 -49.67 17.77
N THR D 197 -25.41 -49.02 17.41
CA THR D 197 -25.39 -48.19 16.22
C THR D 197 -25.44 -49.05 14.96
N ALA D 198 -26.10 -48.53 13.94
CA ALA D 198 -26.33 -49.26 12.70
C ALA D 198 -25.21 -48.97 11.69
N PHE D 199 -24.83 -50.00 10.94
CA PHE D 199 -23.72 -49.93 10.00
C PHE D 199 -24.19 -50.22 8.58
N LEU D 200 -23.86 -49.34 7.66
CA LEU D 200 -24.02 -49.55 6.22
C LEU D 200 -22.64 -49.48 5.59
N VAL D 201 -21.99 -50.63 5.48
CA VAL D 201 -20.61 -50.72 4.99
C VAL D 201 -20.68 -51.13 3.51
N VAL D 202 -20.19 -50.26 2.65
CA VAL D 202 -20.16 -50.53 1.21
C VAL D 202 -18.76 -51.01 0.83
N THR D 203 -18.70 -52.15 0.15
CA THR D 203 -17.42 -52.79 -0.11
C THR D 203 -17.45 -53.39 -1.51
N HIS D 204 -16.27 -53.46 -2.15
CA HIS D 204 -16.17 -54.01 -3.49
C HIS D 204 -15.79 -55.49 -3.52
N ASP D 205 -14.78 -55.93 -2.79
CA ASP D 205 -14.31 -57.30 -2.94
C ASP D 205 -15.34 -58.27 -2.39
N LEU D 206 -15.62 -59.32 -3.18
CA LEU D 206 -16.79 -60.15 -2.92
C LEU D 206 -16.65 -60.92 -1.61
N GLN D 207 -15.46 -61.42 -1.31
CA GLN D 207 -15.28 -62.26 -0.13
C GLN D 207 -15.57 -61.49 1.15
N LEU D 208 -15.01 -60.28 1.27
CA LEU D 208 -15.29 -59.47 2.45
C LEU D 208 -16.73 -58.98 2.46
N ALA D 209 -17.35 -58.86 1.28
CA ALA D 209 -18.78 -58.56 1.24
C ALA D 209 -19.62 -59.70 1.79
N LYS D 210 -19.18 -60.95 1.60
CA LYS D 210 -19.92 -62.09 2.13
C LYS D 210 -19.87 -62.18 3.66
N ARG D 211 -18.98 -61.42 4.30
CA ARG D 211 -18.83 -61.52 5.75
C ARG D 211 -19.99 -60.94 6.53
N MET D 212 -20.91 -60.21 5.91
CA MET D 212 -22.01 -59.56 6.61
C MET D 212 -23.28 -60.41 6.53
N SER D 213 -24.20 -60.19 7.47
CA SER D 213 -25.30 -61.11 7.68
C SER D 213 -26.23 -61.17 6.48
N ARG D 214 -26.91 -60.07 6.17
CA ARG D 214 -27.87 -60.01 5.08
C ARG D 214 -27.43 -58.93 4.11
N GLN D 215 -27.44 -59.23 2.82
CA GLN D 215 -26.67 -58.46 1.83
C GLN D 215 -27.57 -57.90 0.74
N LEU D 216 -27.41 -56.61 0.44
CA LEU D 216 -27.97 -56.02 -0.76
C LEU D 216 -26.96 -56.10 -1.90
N GLU D 217 -27.46 -55.92 -3.11
CA GLU D 217 -26.63 -55.76 -4.30
C GLU D 217 -27.06 -54.48 -5.02
N MET D 218 -26.16 -53.51 -5.05
CA MET D 218 -26.45 -52.20 -5.64
C MET D 218 -25.63 -52.11 -6.92
N ARG D 219 -26.26 -52.41 -8.05
CA ARG D 219 -25.59 -52.47 -9.33
C ARG D 219 -26.25 -51.52 -10.32
N ASP D 220 -25.43 -50.68 -10.95
CA ASP D 220 -25.88 -49.79 -12.03
C ASP D 220 -27.05 -48.91 -11.59
N GLY D 221 -27.05 -48.51 -10.32
CA GLY D 221 -28.12 -47.67 -9.82
C GLY D 221 -29.42 -48.40 -9.54
N ARG D 222 -29.42 -49.73 -9.61
CA ARG D 222 -30.61 -50.52 -9.37
C ARG D 222 -30.35 -51.55 -8.28
N LEU D 223 -31.28 -51.65 -7.33
CA LEU D 223 -31.25 -52.69 -6.30
C LEU D 223 -31.89 -53.94 -6.88
N THR D 224 -31.06 -54.87 -7.35
CA THR D 224 -31.56 -56.10 -7.95
C THR D 224 -31.62 -57.25 -6.94
N ALA D 225 -30.48 -57.60 -6.35
CA ALA D 225 -30.40 -58.76 -5.48
C ALA D 225 -30.43 -58.34 -4.01
N GLU D 226 -31.26 -59.02 -3.23
CA GLU D 226 -31.38 -58.80 -1.79
C GLU D 226 -31.37 -60.20 -1.14
N LEU D 227 -30.17 -60.67 -0.78
CA LEU D 227 -30.00 -62.04 -0.32
C LEU D 227 -30.06 -62.07 1.20
N SER D 228 -30.91 -62.96 1.72
CA SER D 228 -31.15 -63.11 3.15
C SER D 228 -30.94 -64.58 3.52
N LEU D 229 -30.35 -64.82 4.68
CA LEU D 229 -30.11 -66.18 5.13
C LEU D 229 -31.43 -66.94 5.33
N MET D 230 -32.42 -66.28 5.93
CA MET D 230 -33.72 -66.89 6.14
C MET D 230 -34.84 -65.98 5.62
#